data_3FFS
#
_entry.id   3FFS
#
_cell.length_a   119.068
_cell.length_b   153.319
_cell.length_c   98.228
_cell.angle_alpha   90.000
_cell.angle_beta   90.000
_cell.angle_gamma   90.000
#
_symmetry.space_group_name_H-M   'P 21 21 2'
#
_entity_poly.entity_id   1
_entity_poly.type   'polypeptide(L)'
_entity_poly.pdbx_seq_one_letter_code
;MGTKNIGKGLTFEDILLVPNYSEVLPREVSLETKLTKNVSLKIPLISSAMDTVTEHLMAVGMARLGGIGIIHKNMDMESQ
VNEVLKVKNWISNLEKNESTPDQNLDKESTDGKDTKSNNNIDAYSNENLDNKGRLRVGAAIGVNEIERAKLLVEAGVDVI
VLDSAHGHSLNIIRTLKEIKSKMNIDVIVGNVVTEEATKELIENGADGIKVGIGPGSICTTRIVAGVGVPQITAIEKCSS
VASKFGIPIIADGGIRYSGDIGKALAVGASSVMIGSILAGTEESPGEKELIGDTVYKYYRGMGSVGAMKSGSGDRYFQEK
RPENKMVPEGIEGRVKYKGEMEGVVYQLVGGLRSCMGYLGSASIEELWKKSSYVEITTSGLRESHVHDVEIVKEVMNYSK
;
_entity_poly.pdbx_strand_id   A,B,C,D
#
# COMPACT_ATOMS: atom_id res chain seq x y z
N THR A 3 -20.62 15.42 -1.27
CA THR A 3 -19.92 14.14 -1.52
C THR A 3 -19.81 13.35 -0.22
N LYS A 4 -20.04 12.04 -0.33
CA LYS A 4 -19.89 11.12 0.81
C LYS A 4 -18.44 11.00 1.32
N ASN A 5 -17.48 10.77 0.41
CA ASN A 5 -16.08 10.78 0.81
C ASN A 5 -15.84 12.09 1.53
N ILE A 6 -15.57 12.03 2.83
CA ILE A 6 -15.12 13.23 3.55
C ILE A 6 -13.61 13.41 3.40
N GLY A 7 -12.82 12.99 4.38
CA GLY A 7 -11.38 13.12 4.23
C GLY A 7 -10.76 11.75 4.05
N LYS A 8 -9.45 11.68 4.14
CA LYS A 8 -8.74 10.43 4.33
C LYS A 8 -8.43 10.19 5.81
N GLY A 9 -8.68 9.02 6.31
CA GLY A 9 -8.47 8.68 7.72
C GLY A 9 -7.10 8.09 7.96
N LEU A 10 -6.54 8.33 9.16
CA LEU A 10 -5.18 7.89 9.49
C LEU A 10 -5.11 7.07 10.77
N THR A 11 -4.32 5.99 10.76
CA THR A 11 -4.00 5.19 11.94
C THR A 11 -2.58 5.46 12.46
N PHE A 12 -2.28 4.90 13.63
CA PHE A 12 -0.97 5.03 14.22
C PHE A 12 0.09 4.62 13.21
N GLU A 13 -0.12 3.49 12.54
CA GLU A 13 0.79 2.99 11.53
C GLU A 13 1.01 3.89 10.33
N ASP A 14 0.11 4.85 10.10
CA ASP A 14 0.21 5.75 8.95
C ASP A 14 1.11 6.96 9.17
N ILE A 15 1.57 7.15 10.39
CA ILE A 15 2.26 8.37 10.78
C ILE A 15 3.49 8.09 11.62
N LEU A 16 4.47 8.97 11.52
CA LEU A 16 5.58 8.98 12.45
C LEU A 16 5.70 10.41 12.96
N LEU A 17 5.87 10.56 14.27
CA LEU A 17 5.99 11.85 14.91
C LEU A 17 7.33 12.52 14.58
N VAL A 18 7.34 13.85 14.57
CA VAL A 18 8.48 14.64 14.08
C VAL A 18 9.17 15.36 15.22
N PRO A 19 10.47 15.09 15.39
CA PRO A 19 11.26 15.66 16.47
C PRO A 19 11.46 17.17 16.38
N ASN A 20 11.30 17.83 17.52
CA ASN A 20 11.63 19.24 17.63
C ASN A 20 12.69 19.52 18.72
N TYR A 21 13.06 20.79 18.90
CA TYR A 21 14.11 21.16 19.84
C TYR A 21 13.80 20.68 21.25
N SER A 22 14.79 20.09 21.91
CA SER A 22 14.58 19.46 23.21
C SER A 22 15.62 19.77 24.28
N GLU A 23 15.14 20.21 25.43
CA GLU A 23 15.97 20.51 26.59
C GLU A 23 15.87 19.42 27.65
N VAL A 24 14.76 18.69 27.67
CA VAL A 24 14.47 17.75 28.76
C VAL A 24 14.67 16.28 28.41
N LEU A 25 15.20 15.55 29.40
CA LEU A 25 15.57 14.14 29.31
C LEU A 25 14.36 13.22 29.46
N PRO A 26 14.36 12.07 28.74
CA PRO A 26 13.32 11.05 28.95
C PRO A 26 12.94 10.80 30.42
N ARG A 27 13.92 10.82 31.33
CA ARG A 27 13.61 10.59 32.75
C ARG A 27 13.00 11.75 33.56
N GLU A 28 13.06 12.98 33.03
CA GLU A 28 12.66 14.23 33.74
C GLU A 28 11.30 14.78 33.32
N VAL A 29 10.64 14.06 32.42
CA VAL A 29 9.33 14.41 31.89
C VAL A 29 8.24 14.08 32.91
N SER A 30 7.21 14.89 32.98
CA SER A 30 6.06 14.60 33.83
C SER A 30 4.93 13.94 33.02
N LEU A 31 4.42 12.81 33.52
CA LEU A 31 3.36 12.07 32.83
C LEU A 31 1.99 12.22 33.49
N GLU A 32 1.81 13.30 34.23
CA GLU A 32 0.54 13.58 34.84
C GLU A 32 -0.41 14.08 33.78
N THR A 33 -1.67 13.67 33.90
CA THR A 33 -2.72 14.04 32.95
C THR A 33 -4.03 14.10 33.71
N LYS A 34 -5.14 14.11 33.00
CA LYS A 34 -6.45 14.10 33.63
C LYS A 34 -7.30 12.95 33.11
N LEU A 35 -8.06 12.31 33.99
CA LEU A 35 -9.02 11.28 33.57
C LEU A 35 -10.41 11.90 33.37
N THR A 36 -10.79 12.77 34.30
CA THR A 36 -11.96 13.63 34.19
C THR A 36 -11.55 14.97 34.77
N LYS A 37 -12.44 15.94 34.72
CA LYS A 37 -12.13 17.29 35.23
C LYS A 37 -11.66 17.29 36.70
N ASN A 38 -12.11 16.30 37.47
CA ASN A 38 -11.90 16.25 38.93
C ASN A 38 -10.98 15.16 39.40
N VAL A 39 -10.72 14.19 38.52
CA VAL A 39 -9.87 13.02 38.81
C VAL A 39 -8.58 13.04 37.97
N SER A 40 -7.41 13.12 38.62
CA SER A 40 -6.15 13.11 37.88
C SER A 40 -5.52 11.73 37.78
N LEU A 41 -4.43 11.63 37.03
CA LEU A 41 -3.62 10.41 36.93
C LEU A 41 -2.16 10.78 37.11
N LYS A 42 -1.32 9.82 37.47
CA LYS A 42 0.15 10.04 37.57
C LYS A 42 0.87 9.52 36.34
N ILE A 43 0.29 8.51 35.69
CA ILE A 43 0.67 8.11 34.34
C ILE A 43 -0.60 7.94 33.49
N PRO A 44 -0.49 8.18 32.16
CA PRO A 44 -1.64 8.26 31.26
C PRO A 44 -2.13 6.93 30.72
N LEU A 45 -2.06 5.88 31.53
CA LEU A 45 -2.53 4.55 31.12
C LEU A 45 -3.74 4.07 31.94
N ILE A 46 -4.78 3.62 31.26
CA ILE A 46 -5.96 3.04 31.91
C ILE A 46 -6.16 1.62 31.40
N SER A 47 -6.49 0.68 32.27
CA SER A 47 -6.65 -0.70 31.86
C SER A 47 -8.08 -1.03 31.51
N SER A 48 -8.28 -1.54 30.30
CA SER A 48 -9.59 -1.77 29.72
C SER A 48 -10.62 -2.39 30.64
N ALA A 49 -11.90 -2.20 30.30
CA ALA A 49 -13.01 -2.81 31.02
C ALA A 49 -13.39 -4.18 30.42
N MET A 50 -12.39 -5.04 30.23
CA MET A 50 -12.53 -6.36 29.61
C MET A 50 -12.39 -7.47 30.66
N ASP A 51 -13.19 -8.53 30.53
CA ASP A 51 -13.16 -9.65 31.47
C ASP A 51 -11.88 -10.48 31.39
N THR A 52 -11.11 -10.27 30.33
CA THR A 52 -9.79 -10.90 30.20
C THR A 52 -8.66 -10.01 30.74
N VAL A 53 -8.97 -8.77 31.13
CA VAL A 53 -7.93 -7.86 31.63
C VAL A 53 -8.03 -7.43 33.09
N THR A 54 -9.15 -6.84 33.50
CA THR A 54 -9.22 -6.15 34.78
C THR A 54 -10.31 -6.64 35.73
N GLU A 55 -9.90 -7.14 36.89
CA GLU A 55 -10.82 -7.32 37.99
C GLU A 55 -10.37 -6.51 39.18
N HIS A 56 -9.96 -7.13 40.27
CA HIS A 56 -9.51 -6.32 41.40
C HIS A 56 -7.99 -6.17 41.45
N LEU A 57 -7.31 -7.30 41.42
CA LEU A 57 -5.85 -7.37 41.57
C LEU A 57 -5.15 -6.61 40.45
N MET A 58 -5.82 -6.46 39.32
CA MET A 58 -5.34 -5.68 38.18
C MET A 58 -5.51 -4.18 38.38
N ALA A 59 -6.73 -3.77 38.75
CA ALA A 59 -7.02 -2.37 39.04
C ALA A 59 -6.14 -1.77 40.15
N VAL A 60 -5.70 -2.63 41.08
CA VAL A 60 -4.83 -2.25 42.19
C VAL A 60 -3.41 -2.12 41.69
N GLY A 61 -3.05 -2.97 40.75
CA GLY A 61 -1.76 -2.90 40.10
C GLY A 61 -1.66 -1.58 39.39
N MET A 62 -2.69 -1.26 38.61
CA MET A 62 -2.73 -0.02 37.84
C MET A 62 -2.59 1.19 38.73
N ALA A 63 -3.50 1.36 39.69
CA ALA A 63 -3.50 2.50 40.62
C ALA A 63 -2.19 2.74 41.38
N ARG A 64 -1.57 1.67 41.84
CA ARG A 64 -0.30 1.73 42.56
C ARG A 64 0.81 2.24 41.65
N LEU A 65 0.57 2.28 40.35
CA LEU A 65 1.56 2.72 39.37
C LEU A 65 1.24 4.09 38.76
N GLY A 66 0.16 4.70 39.22
CA GLY A 66 -0.28 5.99 38.71
C GLY A 66 -1.60 5.94 37.98
N GLY A 67 -1.80 4.90 37.17
CA GLY A 67 -3.00 4.77 36.34
C GLY A 67 -4.19 4.35 37.16
N ILE A 68 -5.22 3.84 36.49
CA ILE A 68 -6.31 3.13 37.19
C ILE A 68 -6.89 1.95 36.39
N GLY A 69 -7.76 1.17 37.01
CA GLY A 69 -8.44 0.08 36.33
C GLY A 69 -9.91 0.35 36.22
N ILE A 70 -10.57 -0.29 35.25
CA ILE A 70 -12.01 -0.13 35.09
C ILE A 70 -12.66 -1.51 35.11
N ILE A 71 -13.08 -1.99 36.27
CA ILE A 71 -13.67 -3.34 36.40
C ILE A 71 -14.77 -3.61 35.36
N HIS A 72 -14.63 -4.71 34.62
CA HIS A 72 -15.58 -5.06 33.56
C HIS A 72 -17.00 -5.21 34.12
N LYS A 73 -18.01 -5.11 33.26
CA LYS A 73 -19.41 -5.26 33.70
C LYS A 73 -19.97 -6.66 33.46
N ASN A 74 -19.12 -7.58 33.03
CA ASN A 74 -19.52 -8.93 32.62
C ASN A 74 -19.83 -9.87 33.81
N MET A 75 -20.33 -9.31 34.92
CA MET A 75 -20.58 -10.06 36.15
C MET A 75 -21.88 -9.60 36.83
N ASP A 76 -22.30 -10.22 37.96
CA ASP A 76 -23.42 -9.79 38.77
C ASP A 76 -23.18 -8.39 39.33
N MET A 77 -24.27 -7.71 39.71
CA MET A 77 -24.16 -6.41 40.40
C MET A 77 -23.43 -6.57 41.74
N GLU A 78 -23.83 -7.58 42.53
CA GLU A 78 -23.16 -7.97 43.76
C GLU A 78 -21.66 -8.11 43.56
N SER A 79 -21.26 -8.98 42.64
CA SER A 79 -19.83 -9.25 42.35
C SER A 79 -19.01 -7.98 42.14
N GLN A 80 -19.52 -7.10 41.29
CA GLN A 80 -18.82 -5.87 40.89
C GLN A 80 -18.71 -4.85 42.03
N VAL A 81 -19.73 -4.77 42.86
CA VAL A 81 -19.67 -3.97 44.08
C VAL A 81 -18.56 -4.49 45.04
N ASN A 82 -18.36 -5.80 45.08
CA ASN A 82 -17.31 -6.39 45.92
C ASN A 82 -15.92 -6.19 45.31
N GLU A 83 -15.81 -6.24 43.97
CA GLU A 83 -14.53 -6.08 43.26
C GLU A 83 -13.96 -4.66 43.29
N VAL A 84 -14.85 -3.67 43.32
CA VAL A 84 -14.45 -2.27 43.56
C VAL A 84 -14.06 -2.08 45.03
N LEU A 85 -14.80 -2.69 45.95
CA LEU A 85 -14.49 -2.62 47.39
C LEU A 85 -13.06 -3.09 47.69
N LYS A 86 -12.74 -4.33 47.29
CA LYS A 86 -11.41 -4.91 47.52
C LYS A 86 -10.28 -3.94 47.19
N VAL A 87 -10.53 -3.04 46.23
CA VAL A 87 -9.57 -2.01 45.82
C VAL A 87 -9.63 -0.81 46.77
N LYS A 88 -10.84 -0.43 47.20
CA LYS A 88 -11.03 0.73 48.07
C LYS A 88 -10.38 0.47 49.42
N ASN A 89 -10.52 -0.78 49.88
CA ASN A 89 -9.91 -1.24 51.12
C ASN A 89 -8.62 -2.02 50.89
N TRP A 90 -7.57 -1.31 50.48
CA TRP A 90 -6.19 -1.78 50.60
C TRP A 90 -5.55 -0.89 51.64
N ILE A 91 -5.83 -1.21 52.89
CA ILE A 91 -5.47 -0.44 54.07
C ILE A 91 -3.97 -0.33 54.26
N ALA A 123 8.65 0.80 48.14
CA ALA A 123 7.20 0.95 48.32
C ALA A 123 6.43 1.11 46.98
N TYR A 124 5.44 1.95 46.97
CA TYR A 124 4.61 2.30 45.82
C TYR A 124 4.42 3.81 45.71
N SER A 125 5.56 4.50 45.48
CA SER A 125 5.63 5.96 45.57
C SER A 125 4.80 6.69 44.52
N ASN A 126 4.73 6.16 43.30
CA ASN A 126 3.93 6.77 42.25
C ASN A 126 2.48 6.25 42.21
N GLU A 127 1.87 6.12 43.38
CA GLU A 127 0.50 5.62 43.55
C GLU A 127 -0.53 6.72 43.35
N ASN A 128 -1.74 6.33 42.96
CA ASN A 128 -2.83 7.27 42.70
C ASN A 128 -3.94 7.11 43.70
N LEU A 129 -4.09 8.08 44.61
CA LEU A 129 -5.08 7.99 45.68
C LEU A 129 -6.23 8.95 45.46
N ASP A 130 -7.36 8.69 46.11
CA ASP A 130 -8.47 9.64 46.07
C ASP A 130 -8.34 10.72 47.16
N ASN A 131 -9.28 11.68 47.16
CA ASN A 131 -9.29 12.73 48.16
C ASN A 131 -9.43 12.21 49.60
N LYS A 132 -9.50 10.88 49.74
CA LYS A 132 -9.69 10.22 51.04
C LYS A 132 -8.56 9.25 51.41
N GLY A 133 -7.49 9.26 50.61
CA GLY A 133 -6.26 8.54 50.93
C GLY A 133 -6.25 7.05 50.63
N ARG A 134 -7.07 6.63 49.68
CA ARG A 134 -7.17 5.22 49.29
C ARG A 134 -7.15 5.11 47.76
N LEU A 135 -6.68 3.96 47.24
CA LEU A 135 -6.43 3.76 45.81
C LEU A 135 -7.63 4.02 44.92
N ARG A 136 -7.40 4.63 43.77
CA ARG A 136 -8.47 4.98 42.83
C ARG A 136 -8.93 3.77 42.02
N VAL A 137 -10.22 3.74 41.70
CA VAL A 137 -10.76 2.66 40.87
C VAL A 137 -11.96 3.16 40.08
N GLY A 138 -12.30 2.45 39.00
CA GLY A 138 -13.43 2.77 38.13
C GLY A 138 -14.15 1.52 37.65
N ALA A 139 -15.40 1.68 37.21
CA ALA A 139 -16.21 0.53 36.81
C ALA A 139 -17.08 0.82 35.58
N ALA A 140 -17.20 -0.18 34.71
CA ALA A 140 -18.00 -0.05 33.50
C ALA A 140 -19.46 -0.29 33.78
N ILE A 141 -20.32 0.31 32.97
CA ILE A 141 -21.77 0.30 33.19
C ILE A 141 -22.48 0.10 31.85
N GLY A 142 -23.62 -0.57 31.87
CA GLY A 142 -24.38 -0.83 30.65
C GLY A 142 -25.59 0.08 30.50
N VAL A 143 -25.88 0.45 29.25
CA VAL A 143 -27.05 1.25 28.90
C VAL A 143 -28.29 0.94 29.76
N ASN A 144 -28.97 1.99 30.27
CA ASN A 144 -30.18 1.88 31.08
C ASN A 144 -29.95 1.03 32.33
N ILE A 146 -28.30 1.57 35.41
CA ILE A 146 -28.64 2.59 36.42
C ILE A 146 -28.69 1.96 37.80
N GLU A 147 -29.37 0.81 37.87
CA GLU A 147 -29.42 0.00 39.08
C GLU A 147 -28.03 -0.44 39.51
N ARG A 148 -27.20 -0.75 38.48
CA ARG A 148 -25.78 -1.12 38.68
C ARG A 148 -24.98 0.11 39.08
N ALA A 149 -25.15 1.19 38.34
CA ALA A 149 -24.55 2.48 38.66
C ALA A 149 -24.68 2.82 40.14
N LYS A 150 -25.92 2.86 40.64
CA LYS A 150 -26.22 3.33 41.99
C LYS A 150 -25.30 2.69 43.03
N LEU A 151 -25.26 1.36 43.00
CA LEU A 151 -24.55 0.51 43.97
C LEU A 151 -23.05 0.67 43.93
N LEU A 152 -22.54 1.02 42.75
CA LEU A 152 -21.12 1.26 42.55
C LEU A 152 -20.71 2.62 43.09
N VAL A 153 -21.51 3.64 42.83
CA VAL A 153 -21.32 4.94 43.44
C VAL A 153 -21.46 4.84 44.95
N GLU A 154 -22.32 3.93 45.41
CA GLU A 154 -22.46 3.57 46.81
C GLU A 154 -21.20 2.87 47.32
N ALA A 155 -20.57 2.08 46.47
CA ALA A 155 -19.37 1.31 46.83
C ALA A 155 -18.08 2.13 47.00
N GLY A 156 -18.06 3.36 46.48
CA GLY A 156 -16.90 4.21 46.59
C GLY A 156 -16.06 4.31 45.33
N VAL A 157 -16.53 3.67 44.26
CA VAL A 157 -15.92 3.78 42.91
C VAL A 157 -15.66 5.25 42.60
N ASP A 158 -14.59 5.54 41.87
CA ASP A 158 -14.16 6.92 41.64
C ASP A 158 -14.72 7.52 40.37
N VAL A 159 -14.84 6.71 39.34
CA VAL A 159 -15.34 7.15 38.05
C VAL A 159 -16.23 6.07 37.43
N ILE A 160 -17.22 6.47 36.67
CA ILE A 160 -18.17 5.53 36.07
C ILE A 160 -18.09 5.51 34.53
N VAL A 161 -17.76 4.35 33.97
CA VAL A 161 -17.56 4.26 32.53
C VAL A 161 -18.77 3.61 31.88
N LEU A 162 -19.53 4.41 31.14
CA LEU A 162 -20.73 3.97 30.45
C LEU A 162 -20.32 3.63 29.02
N ASP A 163 -20.00 2.37 28.79
CA ASP A 163 -19.44 1.93 27.51
C ASP A 163 -20.51 1.39 26.58
N SER A 164 -20.27 1.55 25.27
CA SER A 164 -21.17 1.08 24.25
C SER A 164 -20.47 0.89 22.91
N ALA A 165 -20.96 -0.06 22.11
CA ALA A 165 -20.53 -0.20 20.73
C ALA A 165 -20.64 1.14 20.02
N HIS A 166 -21.75 1.83 20.27
CA HIS A 166 -22.05 3.09 19.61
C HIS A 166 -22.50 4.08 20.66
N GLY A 167 -21.70 5.12 20.84
CA GLY A 167 -21.85 6.04 21.95
C GLY A 167 -22.75 7.23 21.68
N HIS A 168 -22.75 7.73 20.46
CA HIS A 168 -23.64 8.81 20.12
C HIS A 168 -25.01 8.30 19.76
N SER A 169 -25.73 7.83 20.77
CA SER A 169 -27.09 7.37 20.63
C SER A 169 -27.98 8.00 21.71
N LEU A 170 -29.29 7.93 21.48
CA LEU A 170 -30.30 8.57 22.33
C LEU A 170 -30.42 7.84 23.66
N ASN A 171 -30.36 6.53 23.60
CA ASN A 171 -30.38 5.70 24.81
C ASN A 171 -29.21 6.01 25.75
N ILE A 172 -28.03 6.20 25.16
CA ILE A 172 -26.80 6.50 25.90
C ILE A 172 -26.82 7.91 26.51
N ILE A 173 -27.29 8.89 25.76
CA ILE A 173 -27.49 10.23 26.30
C ILE A 173 -28.50 10.20 27.46
N ARG A 174 -29.52 9.36 27.32
CA ARG A 174 -30.60 9.20 28.30
C ARG A 174 -30.07 8.59 29.58
N THR A 175 -29.13 7.64 29.47
CA THR A 175 -28.50 7.05 30.65
C THR A 175 -27.46 7.99 31.24
N LEU A 176 -27.12 9.06 30.54
CA LEU A 176 -26.14 10.02 31.02
C LEU A 176 -26.77 11.07 31.92
N LYS A 177 -27.85 11.70 31.46
CA LYS A 177 -28.54 12.71 32.26
C LYS A 177 -29.37 12.08 33.37
N GLU A 178 -29.75 10.82 33.19
CA GLU A 178 -30.52 10.08 34.20
C GLU A 178 -29.64 9.46 35.25
N ILE A 179 -28.34 9.73 35.17
CA ILE A 179 -27.35 9.40 36.21
C ILE A 179 -26.96 10.67 36.95
N LYS A 180 -26.68 11.72 36.18
CA LYS A 180 -26.24 13.01 36.70
C LYS A 180 -27.28 13.72 37.55
N SER A 181 -28.51 13.21 37.56
CA SER A 181 -29.58 13.78 38.39
C SER A 181 -29.76 12.98 39.68
N LYS A 182 -29.66 11.65 39.57
CA LYS A 182 -29.77 10.77 40.73
C LYS A 182 -28.46 10.69 41.53
N MET A 183 -27.32 10.64 40.82
CA MET A 183 -25.98 10.54 41.42
C MET A 183 -25.10 11.75 41.08
N ASN A 184 -23.94 11.85 41.73
CA ASN A 184 -23.06 13.00 41.50
C ASN A 184 -21.70 12.64 40.88
N ILE A 185 -21.42 11.34 40.85
CA ILE A 185 -20.18 10.77 40.36
C ILE A 185 -19.74 11.28 38.98
N ASP A 186 -18.42 11.30 38.74
CA ASP A 186 -17.85 11.59 37.44
C ASP A 186 -18.20 10.48 36.45
N VAL A 187 -18.45 10.84 35.20
CA VAL A 187 -18.92 9.88 34.22
C VAL A 187 -18.13 9.94 32.93
N ILE A 188 -17.52 8.84 32.53
CA ILE A 188 -16.93 8.70 31.19
C ILE A 188 -17.96 7.98 30.31
N VAL A 189 -17.99 8.31 29.03
CA VAL A 189 -19.09 7.93 28.15
C VAL A 189 -18.70 7.25 26.81
N GLY A 190 -19.27 6.06 26.61
CA GLY A 190 -19.45 5.38 25.31
C GLY A 190 -18.21 5.26 24.45
N ASN A 191 -18.40 4.95 23.18
CA ASN A 191 -17.32 5.04 22.21
C ASN A 191 -17.75 5.89 21.01
N VAL A 192 -16.93 6.89 20.71
CA VAL A 192 -17.29 7.99 19.81
C VAL A 192 -16.14 8.28 18.86
N VAL A 193 -16.43 8.64 17.62
CA VAL A 193 -15.38 8.94 16.63
C VAL A 193 -15.62 10.24 15.82
N THR A 194 -16.78 10.84 16.01
CA THR A 194 -17.17 12.04 15.25
C THR A 194 -17.28 13.28 16.15
N GLU A 195 -17.04 14.46 15.59
CA GLU A 195 -17.08 15.68 16.40
C GLU A 195 -18.49 16.05 16.89
N GLU A 196 -19.51 15.83 16.06
CA GLU A 196 -20.88 16.06 16.48
C GLU A 196 -21.20 15.36 17.79
N ALA A 197 -20.63 14.15 17.95
CA ALA A 197 -21.01 13.24 19.03
C ALA A 197 -20.44 13.70 20.35
N THR A 198 -19.24 14.23 20.30
CA THR A 198 -18.55 14.65 21.52
C THR A 198 -19.00 16.02 22.00
N LYS A 199 -19.65 16.78 21.13
CA LYS A 199 -20.25 18.06 21.52
C LYS A 199 -21.43 17.77 22.42
N GLU A 200 -22.30 16.86 21.97
CA GLU A 200 -23.57 16.55 22.66
C GLU A 200 -23.38 15.85 24.00
N LEU A 201 -22.44 14.93 24.07
CA LEU A 201 -22.18 14.23 25.30
C LEU A 201 -21.66 15.15 26.38
N ILE A 202 -20.80 16.10 25.99
CA ILE A 202 -20.34 17.14 26.93
C ILE A 202 -21.51 18.03 27.34
N GLU A 203 -22.25 18.52 26.35
CA GLU A 203 -23.42 19.35 26.59
C GLU A 203 -24.43 18.68 27.49
N ASN A 204 -24.34 17.36 27.62
CA ASN A 204 -25.24 16.55 28.46
C ASN A 204 -24.61 16.08 29.76
N GLY A 205 -23.33 16.41 29.94
CA GLY A 205 -22.69 16.28 31.24
C GLY A 205 -21.65 15.19 31.40
N ALA A 206 -21.09 14.72 30.30
CA ALA A 206 -20.00 13.77 30.37
C ALA A 206 -18.72 14.50 30.79
N ASP A 207 -18.00 13.88 31.72
CA ASP A 207 -16.76 14.42 32.30
C ASP A 207 -15.50 13.85 31.62
N GLY A 208 -15.71 12.87 30.75
CA GLY A 208 -14.68 12.38 29.85
C GLY A 208 -15.35 11.51 28.79
N ILE A 209 -14.74 11.41 27.61
CA ILE A 209 -15.28 10.59 26.52
C ILE A 209 -14.17 9.82 25.84
N LYS A 210 -14.36 8.52 25.63
CA LYS A 210 -13.38 7.72 24.87
C LYS A 210 -13.69 7.54 23.40
N VAL A 211 -12.63 7.30 22.63
CA VAL A 211 -12.66 7.34 21.17
C VAL A 211 -12.20 6.01 20.55
N GLY A 212 -13.10 5.33 19.84
CA GLY A 212 -12.77 4.04 19.26
C GLY A 212 -13.92 3.25 18.67
N ILE A 213 -13.94 3.13 17.35
CA ILE A 213 -14.98 2.40 16.62
C ILE A 213 -14.36 1.57 15.49
N ILE A 223 -15.45 -5.44 9.78
CA ILE A 223 -15.58 -6.42 8.70
C ILE A 223 -17.03 -6.94 8.61
N VAL A 224 -17.63 -7.25 9.76
CA VAL A 224 -19.09 -7.47 9.86
C VAL A 224 -19.72 -6.09 10.00
N ALA A 225 -19.08 -5.27 10.84
CA ALA A 225 -19.40 -3.86 11.01
C ALA A 225 -19.44 -3.09 9.67
N GLY A 226 -18.26 -2.86 9.08
CA GLY A 226 -18.11 -2.02 7.88
C GLY A 226 -18.00 -0.55 8.24
N VAL A 227 -17.94 -0.32 9.55
CA VAL A 227 -18.03 0.99 10.17
C VAL A 227 -16.77 1.23 10.99
N GLY A 228 -16.22 2.43 10.88
CA GLY A 228 -15.16 2.90 11.74
C GLY A 228 -14.51 4.11 11.14
N VAL A 229 -14.05 5.02 12.00
CA VAL A 229 -13.04 6.01 11.65
C VAL A 229 -11.78 5.56 12.36
N PRO A 230 -10.61 5.62 11.69
CA PRO A 230 -9.31 5.30 12.28
C PRO A 230 -8.92 6.17 13.48
N GLN A 231 -8.08 5.63 14.35
CA GLN A 231 -7.80 6.22 15.63
C GLN A 231 -7.20 7.62 15.63
N ILE A 232 -6.21 7.89 14.79
CA ILE A 232 -5.53 9.20 14.80
C ILE A 232 -6.46 10.28 14.30
N THR A 233 -7.32 9.94 13.34
CA THR A 233 -8.26 10.89 12.74
C THR A 233 -9.48 11.06 13.64
N ALA A 234 -9.81 10.00 14.37
CA ALA A 234 -10.84 10.06 15.39
C ALA A 234 -10.42 10.92 16.58
N ILE A 235 -9.25 10.65 17.15
CA ILE A 235 -8.68 11.39 18.30
C ILE A 235 -8.49 12.86 18.00
N GLU A 236 -8.36 13.20 16.73
CA GLU A 236 -8.16 14.57 16.28
C GLU A 236 -9.46 15.32 16.33
N LYS A 237 -10.47 14.74 15.71
CA LYS A 237 -11.77 15.37 15.58
C LYS A 237 -12.45 15.55 16.93
N CYS A 238 -12.30 14.58 17.81
CA CYS A 238 -12.95 14.62 19.10
C CYS A 238 -12.33 15.67 20.03
N SER A 239 -11.05 15.97 19.80
CA SER A 239 -10.31 17.02 20.51
C SER A 239 -10.64 18.43 20.01
N SER A 240 -10.96 18.58 18.73
CA SER A 240 -11.47 19.84 18.23
C SER A 240 -12.43 20.40 19.26
N VAL A 241 -13.34 19.55 19.73
CA VAL A 241 -14.43 19.96 20.59
C VAL A 241 -14.04 19.94 22.06
N ALA A 242 -13.49 18.82 22.50
CA ALA A 242 -13.21 18.60 23.91
C ALA A 242 -12.17 19.56 24.49
N SER A 243 -11.00 19.66 23.86
CA SER A 243 -10.01 20.66 24.28
C SER A 243 -10.50 22.06 23.91
N LYS A 244 -11.42 22.57 24.74
CA LYS A 244 -12.21 23.79 24.50
C LYS A 244 -13.21 23.88 25.64
N PHE A 245 -13.54 22.71 26.18
CA PHE A 245 -14.33 22.58 27.40
C PHE A 245 -13.51 22.04 28.56
N GLY A 246 -12.25 21.70 28.28
CA GLY A 246 -11.32 21.20 29.29
C GLY A 246 -11.60 19.75 29.62
N ILE A 247 -12.32 19.09 28.72
CA ILE A 247 -12.80 17.73 28.91
C ILE A 247 -11.82 16.74 28.29
N PRO A 248 -11.23 15.87 29.13
CA PRO A 248 -10.19 14.95 28.70
C PRO A 248 -10.70 13.77 27.87
N ILE A 249 -9.93 13.40 26.85
CA ILE A 249 -10.24 12.28 25.98
C ILE A 249 -9.41 11.06 26.34
N ILE A 250 -10.02 9.89 26.22
CA ILE A 250 -9.36 8.62 26.46
C ILE A 250 -9.24 7.91 25.12
N ALA A 251 -8.02 7.56 24.72
CA ALA A 251 -7.80 6.84 23.48
C ALA A 251 -7.93 5.33 23.70
N ASP A 252 -9.03 4.75 23.22
CA ASP A 252 -9.35 3.31 23.45
C ASP A 252 -9.25 2.40 22.22
N GLY A 253 -8.44 1.37 22.36
CA GLY A 253 -8.32 0.31 21.36
C GLY A 253 -7.47 0.72 20.18
N GLY A 254 -6.66 -0.22 19.68
CA GLY A 254 -5.73 0.05 18.59
C GLY A 254 -4.31 0.20 19.10
N ILE A 255 -4.10 -0.11 20.38
CA ILE A 255 -2.80 0.10 21.00
C ILE A 255 -1.97 -1.18 21.10
N ARG A 256 -1.11 -1.39 20.11
CA ARG A 256 -0.24 -2.56 20.06
C ARG A 256 1.01 -2.41 20.91
N TYR A 257 1.70 -1.27 20.83
CA TYR A 257 2.95 -1.07 21.57
C TYR A 257 3.25 0.39 21.92
N SER A 258 4.37 0.59 22.61
CA SER A 258 4.79 1.88 23.14
C SER A 258 4.61 3.06 22.18
N GLY A 259 4.99 2.87 20.92
CA GLY A 259 4.94 3.95 19.94
C GLY A 259 3.59 4.60 19.84
N ASP A 260 2.55 3.78 19.96
CA ASP A 260 1.16 4.16 19.77
C ASP A 260 0.67 5.04 20.89
N ILE A 261 1.12 4.73 22.10
CA ILE A 261 0.72 5.46 23.28
C ILE A 261 1.17 6.91 23.17
N GLY A 262 2.41 7.16 22.75
CA GLY A 262 2.91 8.50 22.49
C GLY A 262 2.13 9.22 21.40
N LYS A 263 1.99 8.56 20.24
CA LYS A 263 1.23 9.05 19.08
C LYS A 263 -0.24 9.39 19.35
N ALA A 264 -0.84 8.72 20.32
CA ALA A 264 -2.20 9.04 20.75
C ALA A 264 -2.23 10.39 21.43
N LEU A 265 -1.48 10.50 22.53
CA LEU A 265 -1.52 11.69 23.36
C LEU A 265 -1.05 12.93 22.63
N ALA A 266 -0.24 12.77 21.60
CA ALA A 266 0.27 13.91 20.86
C ALA A 266 -0.78 14.60 19.99
N VAL A 267 -1.81 13.86 19.62
CA VAL A 267 -2.79 14.33 18.66
C VAL A 267 -4.10 14.68 19.38
N GLY A 268 -4.03 14.76 20.71
CA GLY A 268 -5.10 15.29 21.55
C GLY A 268 -5.62 14.44 22.71
N ALA A 269 -5.18 13.19 22.81
CA ALA A 269 -5.62 12.29 23.87
C ALA A 269 -4.97 12.67 25.20
N SER A 270 -5.74 12.56 26.28
CA SER A 270 -5.24 12.85 27.63
C SER A 270 -4.68 11.61 28.32
N SER A 271 -5.16 10.46 27.89
CA SER A 271 -4.71 9.16 28.37
C SER A 271 -5.04 8.10 27.30
N VAL A 272 -4.24 7.04 27.23
CA VAL A 272 -4.53 5.86 26.43
C VAL A 272 -5.12 4.74 27.28
N MET A 273 -5.97 3.92 26.69
CA MET A 273 -6.41 2.72 27.39
C MET A 273 -5.83 1.45 26.78
N ILE A 274 -5.17 0.67 27.63
CA ILE A 274 -4.52 -0.58 27.22
C ILE A 274 -5.37 -1.81 27.56
N GLY A 275 -5.36 -2.80 26.67
CA GLY A 275 -6.24 -3.97 26.76
C GLY A 275 -5.60 -5.33 26.52
N SER A 276 -5.56 -5.73 25.24
CA SER A 276 -5.01 -7.02 24.82
C SER A 276 -3.52 -7.20 25.17
N ILE A 277 -2.85 -6.09 25.42
CA ILE A 277 -1.44 -6.04 25.80
C ILE A 277 -1.21 -6.57 27.20
N LEU A 278 -2.28 -6.55 28.01
CA LEU A 278 -2.28 -7.01 29.41
C LEU A 278 -3.14 -8.25 29.60
N ALA A 279 -3.29 -9.06 28.56
CA ALA A 279 -4.31 -10.11 28.51
C ALA A 279 -4.04 -11.31 29.41
N GLY A 280 -2.90 -11.94 29.27
CA GLY A 280 -2.61 -13.07 30.13
C GLY A 280 -1.66 -12.76 31.24
N THR A 281 -1.86 -11.64 31.93
CA THR A 281 -0.93 -11.23 32.98
C THR A 281 -1.37 -11.75 34.36
N GLU A 282 -0.41 -11.93 35.28
CA GLU A 282 -0.70 -12.52 36.59
C GLU A 282 -1.88 -11.87 37.34
N GLU A 283 -2.07 -10.58 37.10
CA GLU A 283 -3.14 -9.82 37.77
C GLU A 283 -4.45 -9.81 36.97
N SER A 284 -4.40 -10.35 35.74
CA SER A 284 -5.57 -10.59 34.90
C SER A 284 -6.42 -11.76 35.42
N PRO A 285 -7.74 -11.73 35.16
CA PRO A 285 -8.71 -12.61 35.81
C PRO A 285 -8.50 -14.14 35.79
N GLY A 286 -7.92 -14.69 34.73
CA GLY A 286 -7.85 -16.16 34.60
C GLY A 286 -7.07 -16.95 35.65
N GLU A 287 -7.13 -18.29 35.57
CA GLU A 287 -6.26 -19.20 36.32
C GLU A 287 -5.23 -19.85 35.42
N LYS A 288 -4.02 -20.11 35.90
CA LYS A 288 -2.94 -20.69 35.08
C LYS A 288 -3.13 -22.18 34.79
N GLU A 289 -2.42 -22.69 33.79
CA GLU A 289 -2.53 -24.08 33.31
C GLU A 289 -1.55 -24.32 32.15
N LEU A 290 -0.81 -25.42 32.19
CA LEU A 290 0.15 -25.74 31.12
C LEU A 290 -0.43 -26.69 30.05
N ILE A 291 -0.30 -26.34 28.77
CA ILE A 291 -0.67 -27.24 27.67
C ILE A 291 0.57 -27.71 26.89
N GLY A 292 0.79 -27.18 25.69
CA GLY A 292 1.94 -27.60 24.89
C GLY A 292 3.23 -26.92 25.31
N ASP A 293 3.79 -27.29 26.44
CA ASP A 293 5.04 -26.76 26.97
C ASP A 293 5.06 -25.24 26.92
N THR A 294 3.94 -24.58 27.02
CA THR A 294 3.77 -23.11 27.14
C THR A 294 2.55 -22.84 28.03
N VAL A 295 2.56 -21.72 28.75
CA VAL A 295 1.53 -21.45 29.78
C VAL A 295 0.35 -20.58 29.33
N TYR A 296 -0.86 -21.12 29.48
CA TYR A 296 -2.10 -20.46 29.05
C TYR A 296 -3.01 -20.11 30.23
N LYS A 297 -3.98 -19.23 30.00
CA LYS A 297 -4.85 -18.75 31.06
C LYS A 297 -6.34 -19.06 30.80
N TYR A 298 -7.13 -19.11 31.87
CA TYR A 298 -8.60 -19.31 31.87
C TYR A 298 -8.97 -20.65 32.51
N ARG A 334 -9.22 -18.96 25.82
CA ARG A 334 -7.85 -19.05 26.35
C ARG A 334 -6.91 -18.05 25.68
N VAL A 335 -6.00 -17.50 26.47
CA VAL A 335 -5.00 -16.56 25.98
C VAL A 335 -3.62 -16.84 26.60
N LYS A 336 -2.56 -16.67 25.82
CA LYS A 336 -1.19 -16.97 26.19
C LYS A 336 -0.69 -16.00 27.26
N TYR A 337 -0.25 -16.59 28.39
CA TYR A 337 0.17 -15.89 29.62
C TYR A 337 1.40 -14.98 29.44
N LYS A 338 1.34 -13.77 30.01
CA LYS A 338 2.32 -12.70 29.73
C LYS A 338 3.22 -12.30 30.89
N GLY A 339 3.15 -13.03 31.98
CA GLY A 339 4.03 -12.77 33.12
C GLY A 339 3.52 -11.61 33.95
N GLU A 340 4.41 -11.04 34.76
CA GLU A 340 4.01 -9.93 35.63
C GLU A 340 3.66 -8.65 34.88
N MET A 341 2.66 -7.95 35.37
CA MET A 341 2.08 -6.82 34.69
C MET A 341 3.03 -5.63 34.63
N GLU A 342 3.70 -5.38 35.74
CA GLU A 342 4.59 -4.23 35.93
C GLU A 342 5.69 -4.08 34.87
N GLY A 343 6.19 -5.21 34.35
CA GLY A 343 7.16 -5.24 33.25
C GLY A 343 6.57 -4.66 31.98
N VAL A 344 5.30 -4.96 31.73
CA VAL A 344 4.51 -4.38 30.62
C VAL A 344 4.32 -2.86 30.74
N VAL A 345 3.97 -2.41 31.93
CA VAL A 345 3.63 -1.03 32.18
C VAL A 345 4.87 -0.14 32.36
N TYR A 346 5.99 -0.69 32.84
CA TYR A 346 7.25 0.03 32.88
C TYR A 346 7.79 0.30 31.48
N GLN A 347 7.74 -0.74 30.63
CA GLN A 347 8.19 -0.67 29.23
C GLN A 347 7.46 0.38 28.39
N LEU A 348 6.13 0.30 28.40
CA LEU A 348 5.24 1.28 27.81
C LEU A 348 5.51 2.72 28.24
N VAL A 349 5.67 2.92 29.56
CA VAL A 349 5.99 4.24 30.13
C VAL A 349 7.34 4.68 29.59
N GLY A 350 8.27 3.72 29.50
CA GLY A 350 9.61 3.97 29.01
C GLY A 350 9.66 4.41 27.57
N GLY A 351 8.73 3.88 26.77
CA GLY A 351 8.51 4.34 25.39
C GLY A 351 7.92 5.73 25.33
N LEU A 352 6.87 5.98 26.10
CA LEU A 352 6.28 7.32 26.17
C LEU A 352 7.27 8.40 26.65
N ARG A 353 7.94 8.16 27.78
CA ARG A 353 8.96 9.07 28.28
C ARG A 353 9.94 9.42 27.17
N SER A 354 10.21 8.43 26.31
CA SER A 354 11.23 8.51 25.28
C SER A 354 10.76 9.34 24.09
N CYS A 355 9.47 9.26 23.81
CA CYS A 355 8.85 10.01 22.72
C CYS A 355 8.77 11.51 23.02
N MET A 356 8.36 11.84 24.23
CA MET A 356 8.23 13.22 24.66
C MET A 356 9.61 13.87 24.82
N GLY A 357 10.64 13.04 24.90
CA GLY A 357 12.01 13.52 24.86
C GLY A 357 12.37 13.98 23.47
N TYR A 358 12.10 13.15 22.45
CA TYR A 358 12.38 13.49 21.06
C TYR A 358 11.57 14.72 20.62
N LEU A 359 10.46 14.95 21.30
CA LEU A 359 9.56 16.05 20.97
C LEU A 359 9.62 17.19 21.96
N GLY A 360 10.71 17.26 22.74
CA GLY A 360 10.94 18.32 23.70
C GLY A 360 9.75 18.66 24.56
N SER A 361 9.10 17.64 25.09
CA SER A 361 7.91 17.85 25.90
C SER A 361 8.04 17.28 27.32
N ALA A 362 7.99 18.21 28.29
CA ALA A 362 8.07 17.93 29.72
C ALA A 362 6.68 17.73 30.34
N SER A 363 5.64 17.82 29.53
CA SER A 363 4.29 17.51 29.99
C SER A 363 3.42 17.13 28.82
N ILE A 364 2.21 16.67 29.11
CA ILE A 364 1.27 16.26 28.06
C ILE A 364 0.65 17.51 27.41
N GLU A 365 0.32 18.51 28.21
CA GLU A 365 -0.17 19.80 27.67
C GLU A 365 0.89 20.57 26.85
N GLU A 366 2.16 20.23 27.04
CA GLU A 366 3.24 20.69 26.19
C GLU A 366 3.21 19.97 24.85
N LEU A 367 2.92 18.67 24.91
CA LEU A 367 2.93 17.78 23.76
C LEU A 367 1.88 18.20 22.76
N TRP A 368 0.69 18.54 23.24
CA TRP A 368 -0.43 19.03 22.42
C TRP A 368 -0.11 20.29 21.61
N LYS A 369 0.82 21.11 22.09
CA LYS A 369 1.11 22.40 21.48
C LYS A 369 2.22 22.28 20.45
N LYS A 370 3.20 21.44 20.67
CA LYS A 370 4.38 21.38 19.78
C LYS A 370 4.57 20.10 18.95
N SER A 371 3.54 19.25 18.91
CA SER A 371 3.61 18.01 18.11
C SER A 371 3.30 18.13 16.60
N SER A 372 4.00 17.28 15.86
CA SER A 372 4.07 17.29 14.44
C SER A 372 4.06 15.82 14.03
N TYR A 373 3.55 15.49 12.84
CA TYR A 373 3.71 14.14 12.29
C TYR A 373 3.71 14.12 10.76
N VAL A 374 4.27 13.05 10.19
CA VAL A 374 4.33 12.84 8.73
C VAL A 374 3.50 11.63 8.28
N GLU A 375 3.21 11.53 6.98
CA GLU A 375 2.49 10.39 6.40
C GLU A 375 3.40 9.26 5.84
N ILE A 376 3.34 8.08 6.45
CA ILE A 376 4.13 6.89 6.04
C ILE A 376 3.33 5.97 5.12
N THR A 377 3.95 5.54 4.02
CA THR A 377 3.38 4.51 3.14
C THR A 377 4.16 3.21 3.32
N THR A 378 3.62 2.30 4.15
CA THR A 378 4.30 1.02 4.50
C THR A 378 5.86 1.11 4.57
N SER A 379 6.56 0.19 3.90
CA SER A 379 8.04 0.25 3.82
C SER A 379 8.74 0.52 5.18
N THR B 3 -3.57 22.30 11.87
CA THR B 3 -3.21 21.05 11.15
C THR B 3 -1.85 20.52 11.62
N LYS B 4 -1.80 19.28 12.09
CA LYS B 4 -0.54 18.69 12.53
C LYS B 4 0.14 17.92 11.40
N ASN B 5 -0.60 17.74 10.31
CA ASN B 5 -0.10 17.12 9.10
C ASN B 5 0.82 18.08 8.35
N ILE B 6 2.12 17.78 8.34
CA ILE B 6 3.11 18.68 7.71
C ILE B 6 3.48 18.25 6.30
N GLY B 7 2.95 17.11 5.85
CA GLY B 7 3.12 16.64 4.47
C GLY B 7 3.17 15.13 4.33
N LYS B 8 3.77 14.64 3.26
CA LYS B 8 4.10 13.23 3.13
C LYS B 8 5.58 12.98 3.39
N GLY B 9 5.89 11.79 3.86
CA GLY B 9 7.26 11.38 4.12
C GLY B 9 7.64 10.20 3.24
N LEU B 10 8.60 10.43 2.35
CA LEU B 10 9.01 9.45 1.38
C LEU B 10 10.31 8.77 1.80
N THR B 11 10.40 7.46 1.67
CA THR B 11 11.69 6.78 1.85
C THR B 11 12.24 6.29 0.51
N PHE B 12 13.34 5.54 0.56
CA PHE B 12 14.00 5.06 -0.66
C PHE B 12 13.10 4.27 -1.63
N GLU B 13 12.27 3.39 -1.11
CA GLU B 13 11.46 2.53 -1.96
C GLU B 13 10.16 3.22 -2.36
N ASP B 14 10.04 4.51 -2.16
CA ASP B 14 8.95 5.32 -2.68
C ASP B 14 9.41 6.07 -3.94
N ILE B 15 10.67 5.89 -4.31
CA ILE B 15 11.32 6.68 -5.35
C ILE B 15 11.94 5.79 -6.40
N LEU B 16 12.12 6.36 -7.59
CA LEU B 16 12.89 5.78 -8.66
C LEU B 16 13.51 6.98 -9.38
N LEU B 17 14.80 6.93 -9.65
CA LEU B 17 15.49 8.06 -10.30
C LEU B 17 15.26 8.06 -11.81
N VAL B 18 15.07 9.26 -12.37
CA VAL B 18 14.71 9.44 -13.78
C VAL B 18 15.95 9.74 -14.64
N PRO B 19 16.15 8.94 -15.69
CA PRO B 19 17.29 9.10 -16.61
C PRO B 19 17.34 10.47 -17.31
N ASN B 20 18.55 10.96 -17.51
CA ASN B 20 18.79 12.23 -18.19
C ASN B 20 19.66 12.01 -19.41
N TYR B 21 19.73 13.01 -20.28
CA TYR B 21 20.73 13.02 -21.34
C TYR B 21 22.12 12.66 -20.77
N SER B 22 22.78 11.65 -21.33
CA SER B 22 24.06 11.24 -20.78
C SER B 22 25.24 11.21 -21.77
N GLU B 23 26.42 11.60 -21.28
CA GLU B 23 27.66 11.60 -22.07
C GLU B 23 28.86 11.15 -21.24
N VAL B 24 28.59 10.47 -20.13
CA VAL B 24 29.63 9.84 -19.32
C VAL B 24 29.24 8.42 -19.00
N LEU B 25 30.20 7.50 -19.10
CA LEU B 25 29.96 6.12 -18.71
C LEU B 25 30.31 5.98 -17.23
N PRO B 26 29.76 4.94 -16.56
CA PRO B 26 30.24 4.53 -15.25
C PRO B 26 31.74 4.79 -14.98
N ARG B 27 32.62 4.15 -15.75
CA ARG B 27 34.08 4.27 -15.56
C ARG B 27 34.65 5.69 -15.64
N GLU B 28 33.93 6.57 -16.36
CA GLU B 28 34.38 7.94 -16.65
C GLU B 28 34.18 8.91 -15.50
N VAL B 29 33.34 8.51 -14.54
CA VAL B 29 32.74 9.42 -13.56
C VAL B 29 33.62 9.80 -12.35
N SER B 30 33.44 11.02 -11.86
CA SER B 30 34.03 11.44 -10.61
C SER B 30 33.11 11.09 -9.43
N LEU B 31 33.70 10.44 -8.42
CA LEU B 31 33.02 10.11 -7.19
C LEU B 31 33.60 10.86 -5.99
N GLU B 32 34.30 11.97 -6.25
CA GLU B 32 34.92 12.75 -5.18
C GLU B 32 33.96 13.71 -4.52
N THR B 33 34.07 13.84 -3.21
CA THR B 33 33.12 14.66 -2.46
C THR B 33 33.77 15.28 -1.22
N LYS B 34 32.98 16.01 -0.45
CA LYS B 34 33.43 16.59 0.81
C LYS B 34 32.80 15.87 2.00
N LEU B 35 33.60 15.49 2.97
CA LEU B 35 33.08 14.99 4.25
C LEU B 35 32.72 16.17 5.15
N THR B 36 33.58 17.17 5.19
CA THR B 36 33.33 18.46 5.84
C THR B 36 33.78 19.57 4.89
N LYS B 37 33.81 20.82 5.37
CA LYS B 37 34.38 21.89 4.55
C LYS B 37 35.85 21.61 4.22
N ASN B 38 36.62 21.25 5.25
CA ASN B 38 38.08 21.08 5.15
C ASN B 38 38.55 19.71 4.66
N VAL B 39 37.93 18.64 5.19
CA VAL B 39 38.19 17.25 4.80
C VAL B 39 37.44 16.85 3.52
N SER B 40 37.98 15.89 2.77
CA SER B 40 37.27 15.39 1.58
C SER B 40 37.57 13.93 1.28
N LEU B 41 36.56 13.28 0.66
CA LEU B 41 36.55 11.83 0.31
C LEU B 41 36.65 11.51 -1.20
N LYS B 42 37.26 10.38 -1.54
CA LYS B 42 37.37 9.90 -2.94
C LYS B 42 36.19 9.00 -3.37
N ILE B 43 35.57 8.33 -2.41
CA ILE B 43 34.30 7.64 -2.61
C ILE B 43 33.40 8.01 -1.43
N PRO B 44 32.13 8.38 -1.70
CA PRO B 44 31.26 8.93 -0.65
C PRO B 44 30.70 7.85 0.25
N LEU B 45 31.55 7.24 1.08
CA LEU B 45 31.16 6.13 1.95
C LEU B 45 31.81 6.19 3.33
N ILE B 46 31.00 6.32 4.37
CA ILE B 46 31.51 6.28 5.73
C ILE B 46 31.04 4.98 6.38
N SER B 47 31.94 4.17 6.92
CA SER B 47 31.51 3.03 7.73
C SER B 47 31.03 3.56 9.08
N SER B 48 30.07 2.88 9.70
CA SER B 48 29.36 3.44 10.86
C SER B 48 30.23 3.58 12.12
N ALA B 49 29.63 4.11 13.18
CA ALA B 49 30.27 4.22 14.47
C ALA B 49 29.59 3.26 15.46
N MET B 50 29.21 2.09 14.95
CA MET B 50 28.66 1.00 15.76
C MET B 50 29.80 0.07 16.19
N ASP B 51 29.66 -0.54 17.35
CA ASP B 51 30.71 -1.42 17.88
C ASP B 51 30.85 -2.71 17.08
N THR B 52 29.90 -2.96 16.17
CA THR B 52 29.92 -4.19 15.39
C THR B 52 30.53 -4.02 13.98
N VAL B 53 31.03 -2.83 13.67
CA VAL B 53 31.53 -2.56 12.33
C VAL B 53 32.88 -1.78 12.22
N THR B 54 33.01 -0.63 12.86
CA THR B 54 34.23 0.17 12.66
C THR B 54 35.15 0.31 13.86
N GLU B 55 36.28 -0.39 13.78
CA GLU B 55 37.44 -0.22 14.65
C GLU B 55 38.65 0.03 13.75
N HIS B 56 39.86 -0.09 14.30
CA HIS B 56 41.08 0.20 13.51
C HIS B 56 41.14 -0.56 12.17
N LEU B 57 40.89 -1.86 12.18
CA LEU B 57 41.05 -2.70 10.99
C LEU B 57 40.07 -2.32 9.90
N MET B 58 38.87 -1.91 10.26
CA MET B 58 37.86 -1.46 9.30
C MET B 58 38.08 -0.03 8.82
N ALA B 59 38.62 0.81 9.71
CA ALA B 59 38.91 2.19 9.35
C ALA B 59 40.00 2.32 8.27
N VAL B 60 40.74 1.24 8.01
CA VAL B 60 41.84 1.21 7.03
C VAL B 60 41.35 0.90 5.61
N GLY B 61 40.57 -0.18 5.49
CA GLY B 61 40.08 -0.65 4.19
C GLY B 61 39.13 0.34 3.56
N MET B 62 38.51 1.17 4.40
CA MET B 62 37.68 2.28 3.94
C MET B 62 38.51 3.42 3.34
N ALA B 63 39.56 3.83 4.05
CA ALA B 63 40.41 4.94 3.63
C ALA B 63 41.34 4.55 2.50
N ARG B 64 41.64 3.25 2.40
CA ARG B 64 42.39 2.73 1.26
C ARG B 64 41.56 2.82 -0.02
N LEU B 65 40.27 2.43 0.07
CA LEU B 65 39.37 2.34 -1.08
C LEU B 65 38.77 3.70 -1.42
N GLY B 66 39.12 4.72 -0.69
CA GLY B 66 38.72 6.08 -1.04
C GLY B 66 38.04 6.85 0.06
N GLY B 67 37.24 6.17 0.87
CA GLY B 67 36.31 6.81 1.80
C GLY B 67 36.85 7.02 3.18
N ILE B 68 36.04 6.72 4.18
CA ILE B 68 36.45 6.91 5.56
C ILE B 68 35.70 5.97 6.52
N GLY B 69 36.17 5.94 7.76
CA GLY B 69 35.55 5.16 8.80
C GLY B 69 35.66 5.91 10.09
N ILE B 70 34.66 5.75 10.94
CA ILE B 70 34.61 6.43 12.22
C ILE B 70 34.54 5.39 13.31
N ILE B 71 35.55 5.41 14.16
CA ILE B 71 35.67 4.49 15.27
C ILE B 71 34.54 4.70 16.29
N HIS B 72 33.86 3.60 16.62
CA HIS B 72 32.76 3.60 17.59
C HIS B 72 33.23 4.05 18.96
N LYS B 73 32.35 4.72 19.72
CA LYS B 73 32.72 5.28 21.02
C LYS B 73 32.57 4.29 22.19
N ASN B 74 31.89 3.18 21.96
CA ASN B 74 31.63 2.14 22.96
C ASN B 74 32.91 1.46 23.51
N MET B 75 33.76 2.24 24.17
CA MET B 75 35.03 1.80 24.75
C MET B 75 35.63 2.90 25.67
N ASP B 76 36.79 2.62 26.27
CA ASP B 76 37.50 3.61 27.11
C ASP B 76 38.15 4.73 26.27
N MET B 77 38.62 5.78 26.93
CA MET B 77 39.29 6.88 26.22
C MET B 77 40.60 6.47 25.52
N GLU B 78 41.57 5.93 26.25
CA GLU B 78 42.94 5.71 25.80
C GLU B 78 43.00 4.65 24.71
N SER B 79 42.14 3.68 24.70
CA SER B 79 42.18 2.59 23.72
C SER B 79 41.57 2.97 22.37
N GLN B 80 40.62 3.91 22.38
CA GLN B 80 40.14 4.57 21.15
C GLN B 80 41.23 5.45 20.51
N VAL B 81 41.96 6.19 21.34
CA VAL B 81 43.14 6.95 20.93
C VAL B 81 44.14 6.02 20.25
N ASN B 82 44.24 4.79 20.76
CA ASN B 82 45.14 3.78 20.22
C ASN B 82 44.70 3.25 18.88
N GLU B 83 43.39 3.11 18.69
CA GLU B 83 42.82 2.72 17.40
C GLU B 83 42.96 3.85 16.41
N VAL B 84 42.81 5.08 16.89
CA VAL B 84 43.08 6.26 16.07
C VAL B 84 44.53 6.26 15.62
N LEU B 85 45.48 6.26 16.57
CA LEU B 85 46.90 6.33 16.21
C LEU B 85 47.42 5.06 15.53
N LYS B 86 46.59 4.01 15.46
CA LYS B 86 46.93 2.82 14.68
C LYS B 86 46.69 3.04 13.20
N VAL B 87 45.71 3.86 12.86
CA VAL B 87 45.35 4.05 11.45
C VAL B 87 46.16 5.19 10.83
N LYS B 88 46.36 6.27 11.59
CA LYS B 88 47.22 7.36 11.16
C LYS B 88 48.66 6.88 10.96
N ASN B 89 48.94 5.61 11.36
CA ASN B 89 50.25 4.94 11.23
C ASN B 89 50.28 3.64 10.40
N TRP B 90 50.08 3.74 9.08
CA TRP B 90 50.30 2.58 8.17
C TRP B 90 51.51 2.74 7.23
N ILE B 91 52.64 2.34 7.78
CA ILE B 91 53.95 2.36 7.16
C ILE B 91 54.35 0.89 7.02
N SER B 92 54.94 0.53 5.88
CA SER B 92 55.31 -0.86 5.59
C SER B 92 56.68 -1.21 6.18
N ALA B 123 47.37 -2.54 -5.81
CA ALA B 123 47.83 -1.18 -5.57
C ALA B 123 46.81 -0.40 -4.73
N TYR B 124 47.24 0.69 -4.10
CA TYR B 124 46.34 1.57 -3.31
C TYR B 124 45.56 2.53 -4.20
N SER B 125 46.27 3.40 -4.92
CA SER B 125 45.73 4.21 -6.03
C SER B 125 44.59 5.18 -5.67
N ASN B 126 43.71 4.73 -4.78
CA ASN B 126 42.53 5.50 -4.33
C ASN B 126 42.62 6.00 -2.88
N GLU B 127 43.75 5.76 -2.21
CA GLU B 127 43.94 6.10 -0.79
C GLU B 127 43.58 7.56 -0.40
N ASN B 128 42.81 7.71 0.68
CA ASN B 128 42.51 9.05 1.19
C ASN B 128 43.55 9.51 2.21
N LEU B 129 44.41 10.43 1.80
CA LEU B 129 45.51 10.89 2.63
C LEU B 129 45.34 12.35 3.09
N ASP B 130 45.92 12.69 4.24
CA ASP B 130 45.78 14.01 4.83
C ASP B 130 46.84 14.99 4.33
N ASN B 131 47.26 15.88 5.22
CA ASN B 131 48.33 16.84 4.95
C ASN B 131 49.73 16.30 5.22
N LYS B 132 49.83 15.17 5.93
CA LYS B 132 51.12 14.55 6.21
C LYS B 132 51.26 13.30 5.36
N GLY B 133 50.21 12.99 4.60
CA GLY B 133 50.19 11.82 3.72
C GLY B 133 49.93 10.51 4.43
N ARG B 134 49.16 10.51 5.51
CA ARG B 134 48.78 9.29 6.22
C ARG B 134 47.32 8.94 5.96
N LEU B 135 46.89 7.70 6.20
CA LEU B 135 45.48 7.28 6.01
C LEU B 135 44.50 8.07 6.89
N ARG B 136 43.32 8.37 6.33
CA ARG B 136 42.30 9.22 6.95
C ARG B 136 41.40 8.47 7.94
N VAL B 137 41.22 9.07 9.12
CA VAL B 137 40.34 8.51 10.15
C VAL B 137 39.51 9.58 10.79
N GLY B 138 38.26 9.23 11.07
CA GLY B 138 37.36 10.02 11.89
C GLY B 138 36.98 9.20 13.10
N ALA B 139 36.64 9.88 14.19
CA ALA B 139 36.31 9.21 15.44
C ALA B 139 35.02 9.76 16.04
N ALA B 140 34.38 8.97 16.89
CA ALA B 140 33.06 9.30 17.42
C ALA B 140 33.04 9.69 18.91
N ILE B 141 32.27 10.73 19.24
CA ILE B 141 32.08 11.13 20.64
C ILE B 141 30.59 11.43 20.96
N GLY B 142 30.28 11.67 22.23
CA GLY B 142 28.90 11.91 22.60
C GLY B 142 28.66 12.73 23.86
N VAL B 143 27.49 12.49 24.47
CA VAL B 143 26.98 13.29 25.61
C VAL B 143 27.64 14.67 25.67
N ASN B 144 28.49 14.89 26.66
CA ASN B 144 29.44 16.01 26.61
C ASN B 144 30.81 15.54 27.07
N GLU B 145 31.35 14.62 26.29
CA GLU B 145 32.66 14.06 26.51
C GLU B 145 33.66 15.04 25.87
N ILE B 146 34.08 16.05 26.65
CA ILE B 146 35.01 17.09 26.17
C ILE B 146 36.45 16.59 26.18
N GLU B 147 36.77 15.66 27.08
CA GLU B 147 38.14 15.20 27.27
C GLU B 147 38.52 14.17 26.21
N ARG B 148 37.59 13.41 25.72
CA ARG B 148 37.84 12.43 24.66
C ARG B 148 38.26 13.10 23.38
N ALA B 149 37.55 14.18 23.05
CA ALA B 149 37.88 15.05 21.93
C ALA B 149 39.30 15.58 22.04
N LYS B 150 39.62 16.35 23.11
CA LYS B 150 40.96 16.85 23.31
C LYS B 150 42.00 15.78 22.98
N LEU B 151 41.85 14.57 23.56
CA LEU B 151 42.75 13.43 23.35
C LEU B 151 42.80 12.92 21.89
N LEU B 152 41.66 12.93 21.20
CA LEU B 152 41.58 12.45 19.82
C LEU B 152 42.22 13.40 18.80
N VAL B 153 41.95 14.70 18.95
CA VAL B 153 42.50 15.73 18.06
C VAL B 153 44.02 15.66 18.04
N GLU B 154 44.61 15.78 19.23
CA GLU B 154 46.07 15.77 19.39
C GLU B 154 46.70 14.43 18.97
N ALA B 155 45.86 13.39 18.82
CA ALA B 155 46.30 12.09 18.29
C ALA B 155 46.27 12.03 16.75
N GLY B 156 45.77 13.08 16.10
CA GLY B 156 45.78 13.17 14.64
C GLY B 156 44.46 12.93 13.92
N VAL B 157 43.37 12.76 14.67
CA VAL B 157 42.06 12.51 14.08
C VAL B 157 41.54 13.65 13.20
N ASP B 158 40.97 13.30 12.06
CA ASP B 158 40.56 14.27 11.04
C ASP B 158 39.14 14.82 11.27
N VAL B 159 38.22 13.95 11.67
CA VAL B 159 36.89 14.37 12.13
C VAL B 159 36.55 13.81 13.51
N ILE B 160 35.71 14.56 14.23
CA ILE B 160 35.00 14.08 15.39
C ILE B 160 33.50 14.05 15.08
N VAL B 161 32.83 12.94 15.40
CA VAL B 161 31.40 12.77 15.16
C VAL B 161 30.62 12.74 16.47
N LEU B 162 29.86 13.81 16.72
CA LEU B 162 29.04 13.97 17.93
C LEU B 162 27.63 13.36 17.76
N ASP B 163 27.46 12.10 18.15
CA ASP B 163 26.17 11.37 18.07
C ASP B 163 25.30 11.53 19.29
N SER B 164 24.06 11.77 19.12
CA SER B 164 22.96 11.49 20.03
C SER B 164 21.79 10.83 19.30
N ALA B 165 20.92 10.17 19.90
CA ALA B 165 19.78 9.61 19.19
C ALA B 165 18.94 10.75 18.60
N HIS B 166 18.81 11.82 19.39
CA HIS B 166 18.22 13.10 18.99
C HIS B 166 19.33 14.14 19.15
N GLY B 167 19.77 14.74 18.06
CA GLY B 167 20.93 15.63 18.08
C GLY B 167 20.60 17.09 18.27
N HIS B 168 19.36 17.45 17.96
CA HIS B 168 18.85 18.79 18.14
C HIS B 168 18.51 18.95 19.62
N SER B 169 19.56 18.90 20.44
CA SER B 169 19.41 19.00 21.88
C SER B 169 20.30 20.12 22.44
N LEU B 170 19.92 20.67 23.59
CA LEU B 170 20.72 21.70 24.24
C LEU B 170 22.04 21.10 24.70
N ASN B 171 22.02 19.81 25.01
CA ASN B 171 23.22 19.13 25.45
C ASN B 171 24.22 18.82 24.33
N ILE B 172 23.76 18.80 23.09
CA ILE B 172 24.63 18.60 21.91
C ILE B 172 25.13 19.93 21.38
N ILE B 173 24.37 21.01 21.62
CA ILE B 173 24.76 22.36 21.22
C ILE B 173 25.80 22.95 22.18
N ARG B 174 25.67 22.62 23.46
CA ARG B 174 26.63 23.01 24.51
C ARG B 174 27.98 22.34 24.27
N THR B 175 27.96 21.10 23.78
CA THR B 175 29.19 20.33 23.48
C THR B 175 29.85 20.77 22.19
N LEU B 176 29.04 21.13 21.18
CA LEU B 176 29.53 21.64 19.90
C LEU B 176 30.24 22.98 20.11
N LYS B 177 29.53 23.93 20.72
CA LYS B 177 30.10 25.23 21.08
C LYS B 177 31.45 25.09 21.76
N GLU B 178 31.52 24.23 22.75
CA GLU B 178 32.72 24.04 23.57
C GLU B 178 33.89 23.32 22.86
N ILE B 179 33.59 22.44 21.91
CA ILE B 179 34.65 21.78 21.15
C ILE B 179 35.16 22.70 20.06
N LYS B 180 34.26 23.44 19.43
CA LYS B 180 34.62 24.33 18.32
C LYS B 180 35.32 25.62 18.74
N SER B 181 34.99 26.13 19.92
CA SER B 181 35.63 27.32 20.47
C SER B 181 37.04 27.03 20.99
N LYS B 182 37.29 25.77 21.34
CA LYS B 182 38.58 25.33 21.90
C LYS B 182 39.44 24.59 20.88
N MET B 183 39.37 23.26 20.90
CA MET B 183 40.18 22.38 20.07
C MET B 183 39.78 22.51 18.60
N ASN B 184 40.35 23.49 17.89
CA ASN B 184 40.19 23.71 16.43
C ASN B 184 39.16 22.81 15.72
N ILE B 185 39.66 21.82 14.95
CA ILE B 185 38.96 20.60 14.46
C ILE B 185 37.59 20.67 13.71
N ASP B 186 37.27 19.58 12.99
CA ASP B 186 36.00 19.41 12.27
C ASP B 186 35.03 18.49 13.02
N VAL B 187 33.86 19.03 13.35
CA VAL B 187 32.88 18.28 14.12
C VAL B 187 31.69 17.94 13.24
N ILE B 188 31.16 16.74 13.42
CA ILE B 188 29.93 16.29 12.76
C ILE B 188 28.70 16.40 13.68
N VAL B 189 27.57 16.72 13.12
CA VAL B 189 26.32 17.11 13.75
C VAL B 189 25.98 16.19 14.92
N GLY B 190 25.47 15.04 14.62
CA GLY B 190 24.76 14.21 15.58
C GLY B 190 23.66 13.55 14.80
N ASN B 191 22.44 13.54 15.31
CA ASN B 191 21.36 13.05 14.46
C ASN B 191 20.13 13.95 14.34
N VAL B 192 20.08 14.71 13.27
CA VAL B 192 18.99 15.63 13.01
C VAL B 192 18.09 15.11 11.91
N VAL B 193 16.96 15.77 11.70
CA VAL B 193 15.95 15.28 10.76
C VAL B 193 15.05 16.41 10.19
N THR B 194 14.95 17.50 10.93
CA THR B 194 14.18 18.68 10.50
C THR B 194 15.12 19.75 9.97
N GLU B 195 14.58 20.82 9.39
CA GLU B 195 15.42 21.88 8.86
C GLU B 195 15.82 22.92 9.89
N GLU B 196 14.95 23.15 10.87
CA GLU B 196 15.26 23.99 12.03
C GLU B 196 16.48 23.44 12.78
N ALA B 197 16.64 22.11 12.75
CA ALA B 197 17.68 21.40 13.47
C ALA B 197 19.06 21.62 12.87
N THR B 198 19.17 21.39 11.56
CA THR B 198 20.44 21.61 10.84
C THR B 198 20.84 23.09 10.83
N LYS B 199 19.84 23.95 10.62
CA LYS B 199 19.98 25.41 10.73
C LYS B 199 20.59 25.79 12.07
N GLU B 200 19.95 25.40 13.16
CA GLU B 200 20.43 25.74 14.50
C GLU B 200 21.86 25.22 14.74
N LEU B 201 22.19 24.10 14.11
CA LEU B 201 23.48 23.43 14.29
C LEU B 201 24.66 24.07 13.58
N ILE B 202 24.44 24.53 12.35
CA ILE B 202 25.45 25.28 11.57
C ILE B 202 25.71 26.67 12.17
N GLU B 203 24.68 27.24 12.78
CA GLU B 203 24.80 28.50 13.52
C GLU B 203 25.90 28.43 14.60
N ASN B 204 25.98 27.29 15.30
CA ASN B 204 26.90 27.10 16.43
C ASN B 204 28.25 26.54 16.01
N GLY B 205 28.34 26.08 14.76
CA GLY B 205 29.61 25.73 14.13
C GLY B 205 29.75 24.29 13.72
N ALA B 206 28.68 23.71 13.18
CA ALA B 206 28.77 22.33 12.73
C ALA B 206 29.36 22.32 11.33
N ASP B 207 30.44 21.56 11.16
CA ASP B 207 31.14 21.49 9.88
C ASP B 207 30.54 20.49 8.92
N GLY B 208 29.93 19.45 9.48
CA GLY B 208 29.20 18.45 8.71
C GLY B 208 28.00 18.01 9.50
N ILE B 209 26.91 17.70 8.82
CA ILE B 209 25.65 17.39 9.50
C ILE B 209 25.13 16.00 9.11
N LYS B 210 24.51 15.29 10.05
CA LYS B 210 24.18 13.89 9.83
C LYS B 210 22.69 13.56 10.06
N VAL B 211 22.05 12.99 9.03
CA VAL B 211 20.59 12.85 8.92
C VAL B 211 20.17 11.38 9.09
N GLY B 212 19.27 11.12 10.03
CA GLY B 212 18.79 9.75 10.32
C GLY B 212 18.15 9.56 11.68
N ILE B 213 17.00 8.89 11.70
CA ILE B 213 16.29 8.55 12.94
C ILE B 213 15.34 7.34 12.77
N ILE B 223 8.87 3.05 16.30
CA ILE B 223 8.26 1.78 16.72
C ILE B 223 8.24 1.59 18.25
N VAL B 224 9.36 1.89 18.89
CA VAL B 224 9.42 1.93 20.37
C VAL B 224 9.07 3.37 20.80
N ALA B 225 9.46 4.35 19.98
CA ALA B 225 9.18 5.76 20.26
C ALA B 225 8.06 6.32 19.38
N GLY B 226 8.02 5.90 18.11
CA GLY B 226 7.01 6.36 17.14
C GLY B 226 7.40 7.63 16.43
N VAL B 227 8.67 7.98 16.56
CA VAL B 227 9.23 9.21 16.05
C VAL B 227 9.95 8.88 14.75
N GLY B 228 10.28 9.88 13.95
CA GLY B 228 11.10 9.67 12.77
C GLY B 228 10.60 10.48 11.60
N VAL B 229 11.40 10.52 10.53
CA VAL B 229 11.04 11.17 9.28
C VAL B 229 11.71 10.33 8.23
N PRO B 230 10.94 9.86 7.24
CA PRO B 230 11.50 9.06 6.15
C PRO B 230 12.72 9.71 5.50
N GLN B 231 13.67 8.86 5.12
CA GLN B 231 15.05 9.27 4.81
C GLN B 231 15.22 10.15 3.58
N ILE B 232 14.30 10.07 2.62
CA ILE B 232 14.35 10.93 1.45
C ILE B 232 13.82 12.32 1.76
N THR B 233 12.64 12.36 2.37
CA THR B 233 12.04 13.57 2.87
C THR B 233 12.92 14.28 3.89
N ALA B 234 13.72 13.52 4.62
CA ALA B 234 14.68 14.06 5.58
C ALA B 234 15.86 14.76 4.91
N ILE B 235 16.55 14.07 4.02
CA ILE B 235 17.74 14.61 3.36
C ILE B 235 17.42 15.84 2.51
N GLU B 236 16.19 15.89 1.98
CA GLU B 236 15.74 17.00 1.13
C GLU B 236 15.63 18.28 1.93
N LYS B 237 14.81 18.24 2.99
CA LYS B 237 14.57 19.41 3.84
C LYS B 237 15.82 19.88 4.60
N CYS B 238 16.61 18.92 5.05
CA CYS B 238 17.89 19.21 5.68
C CYS B 238 18.91 19.76 4.69
N SER B 239 18.77 19.38 3.43
CA SER B 239 19.68 19.82 2.41
C SER B 239 19.21 21.17 1.85
N SER B 240 17.92 21.46 1.99
CA SER B 240 17.39 22.74 1.56
C SER B 240 18.06 23.87 2.33
N VAL B 241 18.66 23.52 3.47
CA VAL B 241 19.35 24.46 4.38
C VAL B 241 20.85 24.17 4.49
N ALA B 242 21.27 22.97 4.08
CA ALA B 242 22.67 22.56 4.16
C ALA B 242 23.56 23.31 3.18
N SER B 243 23.15 23.38 1.91
CA SER B 243 23.73 24.32 0.96
C SER B 243 23.34 25.73 1.43
N LYS B 244 23.61 26.77 0.63
CA LYS B 244 23.53 28.13 1.12
C LYS B 244 24.66 28.44 2.10
N PHE B 245 25.09 27.40 2.85
CA PHE B 245 26.39 27.34 3.52
C PHE B 245 27.11 26.15 2.89
N GLY B 246 28.43 26.10 2.95
CA GLY B 246 29.15 24.99 2.30
C GLY B 246 29.07 23.65 3.01
N ILE B 247 28.03 23.49 3.84
CA ILE B 247 27.93 22.36 4.77
C ILE B 247 27.30 21.10 4.12
N PRO B 248 28.10 20.03 3.97
CA PRO B 248 27.61 18.82 3.32
C PRO B 248 26.74 17.98 4.24
N ILE B 249 25.94 17.11 3.65
CA ILE B 249 25.05 16.26 4.42
C ILE B 249 25.34 14.77 4.25
N ILE B 250 25.33 14.06 5.38
CA ILE B 250 25.62 12.62 5.49
C ILE B 250 24.31 11.86 5.70
N ALA B 251 24.13 10.76 4.96
CA ALA B 251 22.94 9.93 5.07
C ALA B 251 23.13 8.73 6.00
N ASP B 252 22.52 8.79 7.18
CA ASP B 252 22.62 7.71 8.14
C ASP B 252 21.31 6.93 8.20
N GLY B 253 21.40 5.64 7.85
CA GLY B 253 20.30 4.71 8.06
C GLY B 253 19.33 4.62 6.90
N GLY B 254 18.69 3.46 6.78
CA GLY B 254 17.78 3.16 5.69
C GLY B 254 18.49 2.60 4.47
N ILE B 255 19.79 2.28 4.62
CA ILE B 255 20.61 1.86 3.47
C ILE B 255 20.75 0.35 3.36
N ARG B 256 19.94 -0.24 2.48
CA ARG B 256 19.98 -1.67 2.24
C ARG B 256 20.82 -2.00 1.01
N TYR B 257 20.46 -1.45 -0.16
CA TYR B 257 21.11 -1.78 -1.45
C TYR B 257 21.94 -0.66 -2.06
N SER B 258 22.83 -1.05 -2.97
CA SER B 258 23.65 -0.13 -3.77
C SER B 258 22.87 1.06 -4.36
N GLY B 259 21.58 0.86 -4.61
CA GLY B 259 20.74 1.87 -5.26
C GLY B 259 20.10 2.91 -4.36
N ASP B 260 20.22 2.70 -3.06
CA ASP B 260 19.78 3.67 -2.06
C ASP B 260 20.85 4.73 -1.84
N ILE B 261 22.09 4.45 -2.29
CA ILE B 261 23.20 5.41 -2.23
C ILE B 261 22.99 6.46 -3.31
N GLY B 262 22.59 6.00 -4.49
CA GLY B 262 22.30 6.87 -5.61
C GLY B 262 21.19 7.81 -5.24
N LYS B 263 20.07 7.25 -4.76
CA LYS B 263 18.88 8.03 -4.38
C LYS B 263 19.13 9.11 -3.32
N ALA B 264 20.01 8.81 -2.36
CA ALA B 264 20.32 9.74 -1.27
C ALA B 264 21.20 10.94 -1.66
N LEU B 265 22.26 10.71 -2.41
CA LEU B 265 23.16 11.80 -2.79
C LEU B 265 22.46 12.68 -3.79
N ALA B 266 21.53 12.10 -4.55
CA ALA B 266 20.84 12.76 -5.63
C ALA B 266 19.92 13.85 -5.12
N VAL B 267 19.33 13.61 -3.95
CA VAL B 267 18.40 14.52 -3.26
C VAL B 267 19.14 15.59 -2.41
N GLY B 268 20.44 15.42 -2.20
CA GLY B 268 21.20 16.41 -1.49
C GLY B 268 22.44 15.94 -0.74
N ALA B 269 22.44 14.68 -0.31
CA ALA B 269 23.54 14.16 0.50
C ALA B 269 24.87 14.21 -0.26
N SER B 270 25.97 14.39 0.47
CA SER B 270 27.30 14.37 -0.12
C SER B 270 28.01 13.09 0.25
N SER B 271 27.48 12.43 1.27
CA SER B 271 28.09 11.28 1.89
C SER B 271 26.96 10.38 2.37
N VAL B 272 27.17 9.08 2.30
CA VAL B 272 26.25 8.13 2.86
C VAL B 272 27.01 7.29 3.89
N MET B 273 26.37 6.97 5.01
CA MET B 273 27.01 6.20 6.08
C MET B 273 26.47 4.78 6.07
N ILE B 274 27.25 3.86 5.52
CA ILE B 274 26.91 2.44 5.53
C ILE B 274 27.39 1.80 6.84
N GLY B 275 26.69 0.79 7.33
CA GLY B 275 27.00 0.26 8.63
C GLY B 275 26.34 -1.07 8.92
N SER B 276 25.02 -1.09 8.79
CA SER B 276 24.25 -2.32 9.00
C SER B 276 24.86 -3.48 8.21
N ILE B 277 25.22 -3.21 6.96
CA ILE B 277 25.65 -4.19 5.95
C ILE B 277 27.18 -4.41 5.87
N LEU B 278 27.91 -3.86 6.83
CA LEU B 278 29.33 -4.15 6.96
C LEU B 278 29.60 -4.88 8.27
N ALA B 279 28.53 -5.38 8.87
CA ALA B 279 28.58 -5.94 10.21
C ALA B 279 29.26 -7.30 10.24
N GLY B 280 28.90 -8.19 9.33
CA GLY B 280 29.55 -9.49 9.31
C GLY B 280 30.88 -9.59 8.57
N THR B 281 31.38 -8.46 8.07
CA THR B 281 32.58 -8.50 7.24
C THR B 281 33.79 -8.84 8.09
N GLU B 282 34.82 -9.35 7.44
CA GLU B 282 36.07 -9.69 8.09
C GLU B 282 36.55 -8.58 9.00
N GLU B 283 36.73 -7.38 8.43
CA GLU B 283 37.47 -6.27 9.04
C GLU B 283 36.79 -5.58 10.23
N SER B 284 35.53 -5.95 10.48
CA SER B 284 34.80 -5.48 11.65
C SER B 284 35.16 -6.34 12.86
N PRO B 285 35.20 -5.74 14.05
CA PRO B 285 35.38 -6.47 15.31
C PRO B 285 34.46 -7.69 15.49
N GLY B 286 35.01 -8.74 16.08
CA GLY B 286 34.26 -9.97 16.33
C GLY B 286 35.10 -11.22 16.27
N GLU B 287 34.46 -12.34 15.95
CA GLU B 287 35.09 -13.64 16.00
C GLU B 287 34.42 -14.63 15.06
N LYS B 288 35.15 -15.07 14.02
CA LYS B 288 34.66 -16.14 13.14
C LYS B 288 34.40 -17.36 14.02
N GLU B 289 33.15 -17.79 14.09
CA GLU B 289 32.77 -18.87 15.00
C GLU B 289 31.65 -19.71 14.39
N LEU B 290 32.02 -20.81 13.73
CA LEU B 290 31.09 -21.70 13.06
C LEU B 290 30.10 -22.35 14.04
N ILE B 291 28.81 -22.03 13.85
CA ILE B 291 27.73 -22.80 14.45
C ILE B 291 26.87 -23.38 13.33
N GLY B 292 26.48 -24.64 13.47
CA GLY B 292 25.65 -25.33 12.48
C GLY B 292 26.30 -25.50 11.13
N ASP B 293 25.77 -24.79 10.12
CA ASP B 293 26.34 -24.84 8.76
C ASP B 293 26.60 -23.45 8.13
N THR B 294 26.32 -22.38 8.90
CA THR B 294 26.69 -21.01 8.51
C THR B 294 27.63 -20.36 9.55
N VAL B 295 28.63 -19.60 9.08
CA VAL B 295 29.58 -18.90 9.97
C VAL B 295 28.96 -17.61 10.53
N TYR B 296 29.13 -17.41 11.83
CA TYR B 296 28.53 -16.28 12.55
C TYR B 296 29.66 -15.37 13.08
N LYS B 297 29.35 -14.55 14.10
CA LYS B 297 30.33 -13.68 14.79
C LYS B 297 30.03 -13.50 16.29
N TYR B 298 31.08 -13.48 17.12
CA TYR B 298 30.97 -13.13 18.55
C TYR B 298 32.13 -12.22 18.97
N ARG B 334 27.87 -10.52 17.88
CA ARG B 334 26.84 -11.46 17.45
C ARG B 334 26.11 -11.04 16.15
N VAL B 335 26.62 -11.47 14.99
CA VAL B 335 25.97 -11.28 13.67
C VAL B 335 26.40 -12.37 12.65
N LYS B 336 25.69 -12.53 11.52
CA LYS B 336 26.10 -13.45 10.46
C LYS B 336 27.30 -12.89 9.68
N TYR B 337 28.00 -13.75 8.92
CA TYR B 337 29.26 -13.40 8.23
C TYR B 337 29.04 -12.69 6.88
N LYS B 338 30.07 -11.94 6.38
CA LYS B 338 29.91 -11.22 5.12
C LYS B 338 31.18 -11.29 4.28
N GLY B 339 32.22 -11.90 4.74
CA GLY B 339 33.45 -12.03 3.98
C GLY B 339 34.26 -10.76 4.05
N GLU B 340 35.08 -10.52 3.02
CA GLU B 340 35.83 -9.27 2.93
C GLU B 340 34.92 -8.09 2.61
N MET B 341 35.13 -6.97 3.29
CA MET B 341 34.36 -5.76 3.08
C MET B 341 34.72 -5.08 1.77
N GLU B 342 35.94 -5.28 1.30
CA GLU B 342 36.33 -4.76 0.00
C GLU B 342 35.29 -5.13 -1.07
N GLY B 343 34.86 -6.40 -1.03
CA GLY B 343 33.85 -6.94 -1.95
C GLY B 343 32.51 -6.26 -1.89
N VAL B 344 32.17 -5.68 -0.73
CA VAL B 344 30.93 -4.93 -0.56
C VAL B 344 31.10 -3.51 -1.06
N VAL B 345 32.10 -2.80 -0.53
CA VAL B 345 32.40 -1.44 -1.01
C VAL B 345 32.50 -1.39 -2.55
N TYR B 346 33.24 -2.33 -3.13
CA TYR B 346 33.39 -2.40 -4.57
C TYR B 346 32.05 -2.65 -5.27
N GLN B 347 31.13 -3.34 -4.60
CA GLN B 347 29.81 -3.63 -5.14
C GLN B 347 28.97 -2.35 -5.09
N LEU B 348 29.07 -1.62 -3.98
CA LEU B 348 28.32 -0.37 -3.78
C LEU B 348 28.81 0.81 -4.60
N VAL B 349 30.14 0.97 -4.71
CA VAL B 349 30.75 2.01 -5.55
C VAL B 349 30.41 1.77 -7.02
N GLY B 350 30.50 0.51 -7.46
CA GLY B 350 30.21 0.08 -8.83
C GLY B 350 28.74 0.23 -9.22
N GLY B 351 27.85 0.09 -8.25
CA GLY B 351 26.41 0.33 -8.45
C GLY B 351 26.05 1.81 -8.49
N LEU B 352 26.73 2.63 -7.69
CA LEU B 352 26.64 4.07 -7.76
C LEU B 352 27.07 4.56 -9.16
N ARG B 353 28.20 4.04 -9.64
CA ARG B 353 28.72 4.35 -10.97
C ARG B 353 27.69 4.09 -12.07
N SER B 354 27.12 2.90 -12.07
CA SER B 354 26.02 2.56 -12.96
C SER B 354 24.85 3.58 -12.89
N CYS B 355 24.50 4.01 -11.68
CA CYS B 355 23.44 5.00 -11.48
C CYS B 355 23.80 6.37 -12.07
N MET B 356 24.83 7.00 -11.54
CA MET B 356 25.38 8.28 -12.04
C MET B 356 25.42 8.32 -13.57
N GLY B 357 25.72 7.18 -14.19
CA GLY B 357 25.63 6.98 -15.63
C GLY B 357 24.26 7.14 -16.25
N TYR B 358 23.22 6.62 -15.60
CA TYR B 358 21.82 6.80 -16.05
C TYR B 358 21.34 8.25 -15.92
N LEU B 359 21.82 8.92 -14.87
CA LEU B 359 21.44 10.30 -14.56
C LEU B 359 22.28 11.34 -15.33
N GLY B 360 23.25 10.84 -16.08
CA GLY B 360 24.10 11.69 -16.91
C GLY B 360 24.80 12.72 -16.07
N SER B 361 25.43 12.27 -14.99
CA SER B 361 26.17 13.14 -14.08
C SER B 361 27.59 12.61 -13.90
N ALA B 362 28.56 13.53 -13.90
CA ALA B 362 29.98 13.19 -13.81
C ALA B 362 30.57 13.53 -12.46
N SER B 363 29.69 13.81 -11.50
CA SER B 363 30.06 14.20 -10.15
C SER B 363 28.80 14.19 -9.29
N ILE B 364 28.95 14.47 -7.99
CA ILE B 364 27.79 14.58 -7.12
C ILE B 364 27.19 15.95 -7.41
N GLU B 365 28.07 16.92 -7.61
CA GLU B 365 27.75 18.31 -8.00
C GLU B 365 26.71 18.41 -9.09
N GLU B 366 26.97 17.66 -10.17
CA GLU B 366 26.17 17.64 -11.37
C GLU B 366 24.93 16.84 -11.10
N LEU B 367 25.08 15.79 -10.28
CA LEU B 367 23.99 14.92 -9.84
C LEU B 367 22.91 15.75 -9.18
N TRP B 368 23.29 16.50 -8.15
CA TRP B 368 22.39 17.44 -7.47
C TRP B 368 21.65 18.38 -8.43
N LYS B 369 22.34 18.78 -9.49
CA LYS B 369 21.86 19.79 -10.43
C LYS B 369 20.79 19.24 -11.35
N LYS B 370 21.01 18.03 -11.87
CA LYS B 370 20.05 17.47 -12.84
C LYS B 370 19.15 16.33 -12.36
N SER B 371 19.19 16.02 -11.07
CA SER B 371 18.40 14.94 -10.51
C SER B 371 16.91 15.17 -10.69
N SER B 372 16.17 14.06 -10.72
CA SER B 372 14.72 14.07 -10.76
C SER B 372 14.27 12.67 -10.39
N TYR B 373 13.07 12.58 -9.79
CA TYR B 373 12.51 11.29 -9.38
C TYR B 373 10.99 11.26 -9.43
N VAL B 374 10.44 10.06 -9.47
CA VAL B 374 8.99 9.84 -9.42
C VAL B 374 8.60 8.94 -8.25
N GLU B 375 7.34 9.05 -7.81
CA GLU B 375 6.85 8.24 -6.69
C GLU B 375 6.29 6.91 -7.16
N ILE B 376 6.60 5.82 -6.45
CA ILE B 376 6.15 4.47 -6.82
C ILE B 376 5.06 4.03 -5.88
N THR B 377 4.01 3.48 -6.45
CA THR B 377 2.94 2.88 -5.69
C THR B 377 3.23 1.39 -5.56
N THR B 378 4.47 1.10 -5.20
CA THR B 378 4.96 -0.26 -4.89
C THR B 378 4.62 -1.40 -5.92
N SER B 379 3.33 -1.65 -6.18
CA SER B 379 2.86 -2.87 -6.91
C SER B 379 3.30 -3.05 -8.36
N THR C 3 12.25 21.69 -7.31
CA THR C 3 11.13 20.94 -6.66
C THR C 3 11.25 19.39 -6.81
N LYS C 4 12.30 18.95 -7.51
CA LYS C 4 12.69 17.53 -7.70
C LYS C 4 11.63 16.53 -8.17
N ASN C 5 10.68 16.13 -7.31
CA ASN C 5 9.78 15.08 -7.74
C ASN C 5 8.74 15.54 -8.74
N ILE C 6 8.46 14.67 -9.70
CA ILE C 6 7.70 15.05 -10.85
C ILE C 6 6.42 14.22 -10.93
N GLY C 7 5.79 13.98 -9.78
CA GLY C 7 4.49 13.33 -9.76
C GLY C 7 4.50 11.82 -9.59
N LYS C 8 3.35 11.29 -9.23
CA LYS C 8 3.20 9.85 -9.11
C LYS C 8 3.24 9.17 -10.47
N GLY C 9 4.21 8.29 -10.68
CA GLY C 9 4.27 7.43 -11.86
C GLY C 9 3.51 6.12 -11.68
N LEU C 10 2.83 5.66 -12.74
CA LEU C 10 1.95 4.50 -12.64
C LEU C 10 2.42 3.28 -13.46
N THR C 11 2.17 2.07 -12.97
CA THR C 11 2.43 0.84 -13.75
C THR C 11 1.12 0.08 -14.02
N PHE C 12 1.18 -0.93 -14.89
CA PHE C 12 -0.02 -1.71 -15.28
C PHE C 12 -0.96 -2.05 -14.13
N GLU C 13 -0.40 -2.41 -12.98
CA GLU C 13 -1.17 -2.89 -11.82
C GLU C 13 -1.91 -1.77 -11.09
N ASP C 14 -1.47 -0.54 -11.31
CA ASP C 14 -2.08 0.61 -10.66
C ASP C 14 -3.38 1.04 -11.34
N ILE C 15 -3.55 0.71 -12.62
CA ILE C 15 -4.71 1.15 -13.38
C ILE C 15 -5.53 0.00 -13.92
N LEU C 16 -6.85 0.24 -13.99
CA LEU C 16 -7.76 -0.61 -14.73
C LEU C 16 -8.32 0.25 -15.86
N LEU C 17 -8.68 -0.39 -16.98
CA LEU C 17 -9.26 0.36 -18.09
C LEU C 17 -10.74 0.60 -17.90
N VAL C 18 -11.24 1.71 -18.44
CA VAL C 18 -12.65 2.11 -18.26
C VAL C 18 -13.52 1.89 -19.52
N PRO C 19 -14.46 0.92 -19.44
CA PRO C 19 -15.43 0.54 -20.48
C PRO C 19 -16.22 1.67 -21.16
N ASN C 20 -16.10 1.72 -22.49
CA ASN C 20 -16.66 2.77 -23.31
C ASN C 20 -17.94 2.34 -24.01
N TYR C 21 -18.50 3.24 -24.82
CA TYR C 21 -19.58 2.92 -25.73
C TYR C 21 -19.05 1.96 -26.80
N SER C 22 -19.67 0.77 -26.88
CA SER C 22 -19.12 -0.32 -27.68
C SER C 22 -19.94 -0.78 -28.90
N GLU C 23 -19.55 -0.25 -30.06
CA GLU C 23 -20.09 -0.63 -31.37
C GLU C 23 -19.55 -1.96 -31.96
N VAL C 24 -18.42 -2.45 -31.44
CA VAL C 24 -17.66 -3.55 -32.07
C VAL C 24 -17.61 -4.85 -31.26
N LEU C 25 -17.24 -5.95 -31.91
CA LEU C 25 -17.28 -7.31 -31.33
C LEU C 25 -15.90 -7.71 -30.76
N PRO C 26 -15.80 -8.88 -30.08
CA PRO C 26 -14.46 -9.41 -29.81
C PRO C 26 -13.78 -9.96 -31.06
N ARG C 27 -14.36 -10.98 -31.67
CA ARG C 27 -13.75 -11.72 -32.77
C ARG C 27 -13.71 -10.89 -34.04
N GLU C 28 -13.88 -9.57 -34.00
CA GLU C 28 -13.99 -8.81 -35.24
C GLU C 28 -13.25 -7.47 -35.13
N VAL C 29 -12.03 -7.43 -34.68
CA VAL C 29 -11.25 -6.18 -34.58
C VAL C 29 -9.92 -6.19 -35.37
N SER C 30 -9.50 -5.05 -35.88
CA SER C 30 -8.27 -4.98 -36.67
C SER C 30 -7.07 -4.80 -35.76
N LEU C 31 -6.52 -5.94 -35.32
CA LEU C 31 -5.29 -5.95 -34.50
C LEU C 31 -4.14 -5.25 -35.22
N GLU C 32 -4.10 -5.35 -36.55
CA GLU C 32 -3.15 -4.63 -37.42
C GLU C 32 -2.58 -3.33 -36.82
N THR C 33 -1.32 -3.03 -37.13
CA THR C 33 -0.65 -1.83 -36.64
C THR C 33 0.70 -1.57 -37.32
N LYS C 34 1.44 -0.58 -36.80
CA LYS C 34 2.75 -0.18 -37.31
C LYS C 34 3.88 -0.46 -36.32
N LEU C 35 5.01 -0.94 -36.83
CA LEU C 35 6.25 -1.17 -36.05
C LEU C 35 7.28 -0.07 -36.25
N THR C 36 7.67 0.16 -37.49
CA THR C 36 8.45 1.33 -37.90
C THR C 36 7.59 2.19 -38.83
N LYS C 37 8.00 3.38 -39.20
CA LYS C 37 7.22 4.32 -40.00
C LYS C 37 6.62 3.64 -41.22
N ASN C 38 7.07 2.47 -41.62
CA ASN C 38 6.76 1.79 -42.89
C ASN C 38 6.66 0.24 -42.85
N VAL C 39 7.10 -0.39 -41.77
CA VAL C 39 6.82 -1.83 -41.57
C VAL C 39 5.50 -2.01 -40.80
N SER C 40 4.60 -2.82 -41.34
CA SER C 40 3.31 -3.07 -40.72
C SER C 40 3.30 -4.45 -40.07
N LEU C 41 2.49 -4.63 -39.01
CA LEU C 41 2.31 -5.94 -38.34
C LEU C 41 0.85 -6.33 -38.24
N LYS C 42 0.57 -7.63 -38.35
CA LYS C 42 -0.81 -8.18 -38.26
C LYS C 42 -1.30 -8.50 -36.81
N ILE C 43 -0.34 -8.63 -35.88
CA ILE C 43 -0.58 -8.59 -34.42
C ILE C 43 0.49 -7.68 -33.80
N PRO C 44 0.18 -6.99 -32.69
CA PRO C 44 1.09 -5.98 -32.10
C PRO C 44 2.15 -6.53 -31.14
N LEU C 45 2.47 -7.82 -31.29
CA LEU C 45 3.39 -8.50 -30.41
C LEU C 45 4.70 -8.80 -31.14
N ILE C 46 5.80 -8.29 -30.59
CA ILE C 46 7.15 -8.53 -31.10
C ILE C 46 7.97 -9.23 -30.02
N SER C 47 8.67 -10.32 -30.37
CA SER C 47 9.44 -11.11 -29.38
C SER C 47 10.79 -10.47 -29.12
N SER C 48 11.27 -10.58 -27.88
CA SER C 48 12.40 -9.76 -27.43
C SER C 48 13.75 -10.31 -27.88
N ALA C 49 14.79 -9.51 -27.76
CA ALA C 49 16.10 -9.90 -28.22
C ALA C 49 16.92 -10.42 -27.05
N MET C 50 16.37 -11.40 -26.35
CA MET C 50 17.08 -12.01 -25.23
C MET C 50 17.59 -13.36 -25.70
N ASP C 51 18.82 -13.71 -25.32
CA ASP C 51 19.45 -14.96 -25.75
C ASP C 51 18.61 -16.19 -25.41
N THR C 52 17.67 -15.99 -24.51
CA THR C 52 16.84 -17.07 -23.98
C THR C 52 15.40 -17.03 -24.53
N VAL C 53 15.16 -16.28 -25.62
CA VAL C 53 13.83 -16.19 -26.25
C VAL C 53 13.78 -16.31 -27.78
N THR C 54 14.61 -15.54 -28.50
CA THR C 54 14.47 -15.44 -29.97
C THR C 54 15.69 -15.87 -30.83
N GLU C 55 15.58 -17.07 -31.38
CA GLU C 55 16.49 -17.54 -32.41
C GLU C 55 15.69 -17.53 -33.72
N HIS C 56 16.00 -18.43 -34.65
CA HIS C 56 15.27 -18.46 -35.92
C HIS C 56 13.89 -19.13 -35.81
N LEU C 57 13.80 -20.31 -35.14
CA LEU C 57 12.58 -21.09 -35.08
C LEU C 57 11.45 -20.31 -34.43
N MET C 58 11.81 -19.21 -33.75
CA MET C 58 10.90 -18.35 -32.99
C MET C 58 10.47 -17.11 -33.78
N ALA C 59 11.41 -16.46 -34.44
CA ALA C 59 11.08 -15.36 -35.33
C ALA C 59 10.07 -15.83 -36.36
N VAL C 60 10.27 -17.06 -36.85
CA VAL C 60 9.31 -17.76 -37.71
C VAL C 60 7.96 -17.84 -37.03
N GLY C 61 7.88 -18.55 -35.90
CA GLY C 61 6.64 -18.68 -35.13
C GLY C 61 5.90 -17.35 -34.98
N MET C 62 6.65 -16.29 -34.72
CA MET C 62 6.12 -14.93 -34.63
C MET C 62 5.50 -14.45 -35.94
N ALA C 63 6.36 -14.06 -36.89
CA ALA C 63 5.93 -13.55 -38.20
C ALA C 63 4.90 -14.40 -38.94
N ARG C 64 4.81 -15.69 -38.60
CA ARG C 64 3.82 -16.60 -39.18
C ARG C 64 2.41 -16.32 -38.63
N LEU C 65 2.36 -15.77 -37.42
CA LEU C 65 1.11 -15.53 -36.69
C LEU C 65 0.64 -14.09 -36.82
N GLY C 66 1.41 -13.29 -37.56
CA GLY C 66 1.10 -11.89 -37.81
C GLY C 66 2.09 -10.94 -37.18
N GLY C 67 3.06 -11.48 -36.44
CA GLY C 67 3.96 -10.68 -35.63
C GLY C 67 5.31 -10.37 -36.24
N ILE C 68 6.36 -10.57 -35.44
CA ILE C 68 7.77 -10.37 -35.83
C ILE C 68 8.70 -10.73 -34.65
N GLY C 69 9.95 -11.05 -34.92
CA GLY C 69 10.90 -11.35 -33.87
C GLY C 69 12.29 -10.79 -34.11
N ILE C 70 12.87 -10.21 -33.07
CA ILE C 70 14.22 -9.63 -33.11
C ILE C 70 15.33 -10.60 -32.64
N ILE C 71 16.16 -11.05 -33.57
CA ILE C 71 17.25 -11.99 -33.27
C ILE C 71 18.28 -11.25 -32.41
N HIS C 72 18.75 -11.86 -31.33
CA HIS C 72 19.63 -11.18 -30.34
C HIS C 72 21.04 -10.88 -30.82
N LYS C 73 21.77 -10.04 -30.09
CA LYS C 73 23.14 -9.68 -30.46
C LYS C 73 24.22 -10.49 -29.72
N ASN C 74 23.83 -11.67 -29.27
CA ASN C 74 24.70 -12.50 -28.45
C ASN C 74 25.39 -13.62 -29.23
N MET C 75 26.09 -13.22 -30.28
CA MET C 75 26.79 -14.14 -31.16
C MET C 75 27.53 -13.33 -32.22
N ASP C 76 28.67 -13.84 -32.67
CA ASP C 76 29.50 -13.19 -33.67
C ASP C 76 28.69 -12.86 -34.93
N MET C 77 29.09 -11.78 -35.63
CA MET C 77 28.42 -11.28 -36.84
C MET C 77 27.83 -12.37 -37.74
N GLU C 78 28.67 -13.34 -38.10
CA GLU C 78 28.31 -14.45 -38.97
C GLU C 78 27.14 -15.23 -38.39
N SER C 79 27.34 -15.73 -37.16
CA SER C 79 26.38 -16.56 -36.44
C SER C 79 24.96 -15.99 -36.53
N GLN C 80 24.84 -14.70 -36.22
CA GLN C 80 23.57 -13.97 -36.30
C GLN C 80 23.00 -13.90 -37.72
N VAL C 81 23.83 -13.48 -38.68
CA VAL C 81 23.39 -13.30 -40.07
C VAL C 81 22.74 -14.55 -40.68
N ASN C 82 23.19 -15.72 -40.22
CA ASN C 82 22.61 -16.97 -40.68
C ASN C 82 21.23 -17.20 -40.08
N GLU C 83 21.03 -16.69 -38.86
CA GLU C 83 19.74 -16.80 -38.16
C GLU C 83 18.68 -15.97 -38.86
N VAL C 84 19.13 -14.88 -39.48
CA VAL C 84 18.29 -14.03 -40.31
C VAL C 84 17.96 -14.76 -41.61
N LEU C 85 18.99 -15.28 -42.27
CA LEU C 85 18.82 -16.04 -43.51
C LEU C 85 17.77 -17.15 -43.40
N LYS C 86 17.76 -17.86 -42.28
CA LYS C 86 16.80 -18.97 -42.04
C LYS C 86 15.33 -18.53 -41.99
N VAL C 87 15.09 -17.23 -41.82
CA VAL C 87 13.72 -16.68 -41.74
C VAL C 87 13.27 -16.08 -43.09
N LYS C 88 14.16 -15.31 -43.71
CA LYS C 88 13.96 -14.75 -45.05
C LYS C 88 14.05 -15.86 -46.11
N ASN C 89 13.51 -17.03 -45.78
CA ASN C 89 13.79 -18.24 -46.54
C ASN C 89 12.99 -19.45 -46.03
N TRP C 90 11.65 -19.37 -46.01
CA TRP C 90 10.84 -20.58 -45.73
C TRP C 90 10.13 -21.17 -46.98
N ILE C 91 10.39 -22.44 -47.22
CA ILE C 91 10.07 -23.10 -48.49
C ILE C 91 9.53 -24.52 -48.30
N TYR C 124 -0.87 -20.32 -40.19
CA TYR C 124 -0.68 -20.45 -41.63
C TYR C 124 -0.89 -19.12 -42.37
N SER C 125 -2.15 -18.75 -42.63
CA SER C 125 -2.46 -17.47 -43.28
C SER C 125 -2.25 -16.36 -42.27
N ASN C 126 -2.58 -15.11 -42.62
CA ASN C 126 -2.32 -14.00 -41.70
C ASN C 126 -0.81 -13.83 -41.45
N GLU C 127 -0.01 -14.31 -42.40
CA GLU C 127 1.45 -14.20 -42.31
C GLU C 127 1.89 -12.73 -42.31
N ASN C 128 2.98 -12.42 -41.68
CA ASN C 128 3.60 -11.12 -41.83
C ASN C 128 4.81 -11.23 -42.74
N LEU C 129 4.63 -10.89 -44.02
CA LEU C 129 5.70 -11.01 -45.01
C LEU C 129 6.01 -9.63 -45.60
N ASP C 130 7.25 -9.45 -46.04
CA ASP C 130 7.66 -8.20 -46.68
C ASP C 130 7.26 -8.23 -48.14
N ASN C 131 7.23 -7.06 -48.78
CA ASN C 131 6.72 -6.88 -50.16
C ASN C 131 7.27 -7.85 -51.25
N LYS C 132 8.27 -8.69 -50.90
CA LYS C 132 8.82 -9.67 -51.83
C LYS C 132 8.36 -11.08 -51.46
N GLY C 133 7.48 -11.31 -50.53
CA GLY C 133 6.94 -12.64 -50.22
C GLY C 133 7.75 -13.50 -49.27
N ARG C 134 8.63 -12.86 -48.50
CA ARG C 134 9.45 -13.52 -47.49
C ARG C 134 9.17 -12.95 -46.09
N LEU C 135 8.97 -13.82 -45.11
CA LEU C 135 8.71 -13.42 -43.71
C LEU C 135 9.62 -12.28 -43.18
N ARG C 136 9.18 -11.64 -42.11
CA ARG C 136 9.85 -10.44 -41.58
C ARG C 136 10.75 -10.69 -40.36
N VAL C 137 11.96 -10.15 -40.39
CA VAL C 137 12.90 -10.28 -39.26
C VAL C 137 13.51 -8.96 -38.84
N GLY C 138 13.78 -8.87 -37.54
CA GLY C 138 14.56 -7.81 -36.99
C GLY C 138 15.83 -8.38 -36.38
N ALA C 139 16.82 -7.53 -36.22
CA ALA C 139 18.03 -7.92 -35.53
C ALA C 139 18.43 -6.76 -34.64
N ALA C 140 19.10 -7.08 -33.52
CA ALA C 140 19.53 -6.11 -32.56
C ALA C 140 21.02 -5.84 -32.70
N ILE C 141 21.43 -4.68 -32.37
CA ILE C 141 22.80 -4.19 -32.33
C ILE C 141 22.99 -3.12 -31.26
N GLY C 142 24.14 -2.78 -30.84
CA GLY C 142 24.30 -1.71 -29.85
C GLY C 142 25.64 -0.99 -29.70
N VAL C 143 25.94 -0.08 -30.61
CA VAL C 143 27.15 0.77 -30.53
C VAL C 143 28.41 -0.02 -30.85
N GLU C 145 28.26 -0.22 -33.66
CA GLU C 145 28.53 -1.52 -34.25
C GLU C 145 28.15 -1.51 -35.72
N ILE C 146 28.68 -0.53 -36.45
CA ILE C 146 28.34 -0.32 -37.86
C ILE C 146 28.61 -1.57 -38.71
N GLU C 147 29.83 -2.12 -38.61
CA GLU C 147 30.24 -3.30 -39.41
C GLU C 147 29.20 -4.43 -39.36
N ARG C 148 28.72 -4.73 -38.14
CA ARG C 148 27.65 -5.71 -37.93
C ARG C 148 26.37 -5.28 -38.64
N ALA C 149 26.02 -4.01 -38.46
CA ALA C 149 24.73 -3.50 -38.92
C ALA C 149 24.56 -3.59 -40.43
N LYS C 150 25.62 -3.27 -41.19
CA LYS C 150 25.58 -3.35 -42.65
C LYS C 150 25.33 -4.79 -43.11
N LEU C 151 26.05 -5.74 -42.49
CA LEU C 151 25.92 -7.16 -42.84
C LEU C 151 24.51 -7.70 -42.73
N LEU C 152 23.88 -7.51 -41.58
CA LEU C 152 22.51 -7.98 -41.34
C LEU C 152 21.55 -7.40 -42.37
N VAL C 153 21.71 -6.13 -42.74
CA VAL C 153 20.94 -5.46 -43.79
C VAL C 153 21.17 -6.16 -45.14
N GLU C 154 22.43 -6.45 -45.42
CA GLU C 154 22.83 -7.11 -46.66
C GLU C 154 22.19 -8.49 -46.75
N ALA C 155 22.17 -9.23 -45.64
CA ALA C 155 21.46 -10.51 -45.60
C ALA C 155 19.93 -10.32 -45.59
N GLY C 156 19.51 -9.06 -45.80
CA GLY C 156 18.13 -8.72 -46.09
C GLY C 156 17.20 -8.79 -44.90
N VAL C 157 17.51 -8.02 -43.86
CA VAL C 157 16.69 -7.95 -42.64
C VAL C 157 15.78 -6.72 -42.70
N ASP C 158 14.59 -6.81 -42.12
CA ASP C 158 13.67 -5.66 -42.11
C ASP C 158 14.07 -4.53 -41.15
N VAL C 159 14.27 -4.87 -39.88
CA VAL C 159 14.54 -3.87 -38.87
C VAL C 159 15.84 -4.12 -38.14
N ILE C 160 16.65 -3.08 -38.04
CA ILE C 160 17.78 -3.07 -37.13
C ILE C 160 17.30 -2.43 -35.84
N VAL C 161 17.66 -3.03 -34.72
CA VAL C 161 17.23 -2.55 -33.42
C VAL C 161 18.44 -2.12 -32.58
N LEU C 162 18.63 -0.80 -32.50
CA LEU C 162 19.64 -0.20 -31.64
C LEU C 162 19.13 -0.26 -30.20
N ASP C 163 19.39 -1.39 -29.55
CA ASP C 163 19.01 -1.69 -28.18
C ASP C 163 20.11 -1.24 -27.27
N SER C 164 19.76 -0.80 -26.07
CA SER C 164 20.76 -0.35 -25.11
C SER C 164 20.12 -0.19 -23.75
N ALA C 165 20.96 -0.22 -22.71
CA ALA C 165 20.53 0.04 -21.34
C ALA C 165 19.92 1.46 -21.22
N HIS C 166 20.75 2.46 -21.46
CA HIS C 166 20.34 3.87 -21.46
C HIS C 166 20.41 4.42 -22.87
N GLY C 167 19.23 4.60 -23.45
CA GLY C 167 19.07 4.90 -24.86
C GLY C 167 19.39 6.34 -25.21
N HIS C 168 19.06 7.25 -24.31
CA HIS C 168 19.29 8.68 -24.52
C HIS C 168 20.74 9.07 -24.21
N SER C 169 21.67 8.34 -24.83
CA SER C 169 23.10 8.60 -24.69
C SER C 169 23.72 9.23 -25.94
N LEU C 170 24.97 9.66 -25.86
CA LEU C 170 25.65 10.26 -27.01
C LEU C 170 26.03 9.18 -28.01
N ASN C 171 26.76 8.18 -27.53
CA ASN C 171 27.23 7.08 -28.38
C ASN C 171 26.10 6.34 -29.11
N ILE C 172 24.86 6.67 -28.76
CA ILE C 172 23.67 6.06 -29.35
C ILE C 172 23.08 6.93 -30.45
N ILE C 173 23.22 8.24 -30.33
CA ILE C 173 22.87 9.16 -31.42
C ILE C 173 23.81 8.88 -32.57
N ARG C 174 25.12 8.94 -32.31
CA ARG C 174 26.15 8.81 -33.34
C ARG C 174 26.08 7.46 -34.06
N THR C 175 25.75 6.40 -33.33
CA THR C 175 25.61 5.07 -33.92
C THR C 175 24.38 5.03 -34.86
N LEU C 176 23.27 5.62 -34.42
CA LEU C 176 22.01 5.70 -35.18
C LEU C 176 22.18 6.50 -36.44
N LYS C 177 22.81 7.68 -36.31
CA LYS C 177 23.18 8.53 -37.43
C LYS C 177 24.01 7.74 -38.45
N GLU C 178 25.21 7.31 -38.07
CA GLU C 178 26.15 6.65 -39.00
C GLU C 178 25.48 5.54 -39.78
N ILE C 179 24.50 4.89 -39.15
CA ILE C 179 23.73 3.82 -39.76
C ILE C 179 22.78 4.31 -40.87
N LYS C 180 21.97 5.33 -40.60
CA LYS C 180 21.09 5.91 -41.62
C LYS C 180 21.89 6.38 -42.85
N SER C 181 23.04 7.04 -42.61
CA SER C 181 23.92 7.50 -43.69
C SER C 181 24.91 6.42 -44.19
N LYS C 182 24.40 5.22 -44.41
CA LYS C 182 25.13 4.10 -44.99
C LYS C 182 24.19 2.97 -45.38
N MET C 183 22.86 3.22 -45.30
CA MET C 183 21.82 2.30 -45.78
C MET C 183 20.41 2.81 -45.52
N ILE C 185 17.86 1.61 -44.24
CA ILE C 185 17.20 0.61 -43.40
C ILE C 185 16.19 1.22 -42.40
N ASP C 186 15.66 0.37 -41.52
CA ASP C 186 14.82 0.82 -40.42
C ASP C 186 15.51 0.66 -39.07
N VAL C 187 15.37 1.68 -38.22
CA VAL C 187 16.06 1.69 -36.93
C VAL C 187 15.21 2.09 -35.72
N ILE C 188 15.26 1.26 -34.69
CA ILE C 188 14.58 1.50 -33.42
C ILE C 188 15.64 1.74 -32.34
N VAL C 189 15.40 2.72 -31.45
CA VAL C 189 16.39 3.09 -30.44
C VAL C 189 16.02 2.65 -29.01
N GLY C 190 17.07 2.31 -28.25
CA GLY C 190 17.02 1.33 -27.17
C GLY C 190 16.73 1.77 -25.75
N ASN C 191 15.43 1.79 -25.45
CA ASN C 191 14.88 2.05 -24.12
C ASN C 191 15.08 3.47 -23.61
N VAL C 192 14.01 4.23 -23.74
CA VAL C 192 13.92 5.58 -23.18
C VAL C 192 12.59 5.70 -22.44
N VAL C 193 12.48 6.65 -21.52
CA VAL C 193 11.26 6.83 -20.70
C VAL C 193 10.88 8.29 -20.58
N THR C 194 11.91 9.14 -20.50
CA THR C 194 11.78 10.58 -20.47
C THR C 194 11.24 11.05 -21.81
N GLU C 195 10.41 12.10 -21.83
CA GLU C 195 9.87 12.60 -23.10
C GLU C 195 10.91 13.33 -23.96
N GLU C 196 11.87 14.01 -23.31
CA GLU C 196 12.96 14.67 -24.02
C GLU C 196 13.69 13.73 -24.99
N ALA C 197 13.90 12.49 -24.56
CA ALA C 197 14.67 11.49 -25.31
C ALA C 197 13.96 10.99 -26.56
N THR C 198 12.67 10.69 -26.42
CA THR C 198 11.83 10.35 -27.56
C THR C 198 11.89 11.42 -28.66
N LYS C 199 12.42 12.58 -28.31
CA LYS C 199 12.48 13.70 -29.24
C LYS C 199 13.85 13.80 -29.89
N GLU C 200 14.93 13.82 -29.11
CA GLU C 200 16.28 13.88 -29.67
C GLU C 200 16.64 12.63 -30.49
N LEU C 201 15.77 11.63 -30.45
CA LEU C 201 15.99 10.38 -31.16
C LEU C 201 15.18 10.33 -32.43
N ILE C 202 13.92 10.74 -32.38
CA ILE C 202 13.13 10.97 -33.59
C ILE C 202 13.79 12.09 -34.37
N GLU C 203 13.92 13.26 -33.75
CA GLU C 203 14.52 14.44 -34.36
C GLU C 203 15.64 14.13 -35.35
N ASN C 204 16.54 13.18 -35.00
CA ASN C 204 17.52 12.74 -35.99
C ASN C 204 17.62 11.23 -36.31
N GLY C 205 16.61 10.70 -37.00
CA GLY C 205 16.70 9.35 -37.54
C GLY C 205 15.71 8.25 -37.16
N ALA C 206 15.23 8.25 -35.92
CA ALA C 206 14.48 7.13 -35.37
C ALA C 206 13.14 6.81 -36.05
N ASP C 207 12.90 5.51 -36.26
CA ASP C 207 11.70 5.02 -36.96
C ASP C 207 10.63 4.48 -35.98
N GLY C 208 11.08 4.02 -34.81
CA GLY C 208 10.20 3.52 -33.75
C GLY C 208 10.93 3.73 -32.43
N ILE C 209 10.21 3.77 -31.31
CA ILE C 209 10.89 3.99 -30.04
C ILE C 209 10.48 2.99 -28.95
N LYS C 210 11.46 2.22 -28.48
CA LYS C 210 11.22 1.20 -27.46
C LYS C 210 11.34 1.84 -26.08
N VAL C 211 10.32 1.58 -25.24
CA VAL C 211 10.18 2.21 -23.93
C VAL C 211 10.32 1.17 -22.80
N GLY C 212 11.22 1.40 -21.85
CA GLY C 212 11.36 0.49 -20.71
C GLY C 212 12.66 0.54 -19.91
N ILE C 213 12.62 1.23 -18.77
CA ILE C 213 13.72 1.19 -17.80
C ILE C 213 13.14 1.12 -16.39
N ILE C 223 16.12 -2.59 -8.11
CA ILE C 223 16.79 -2.94 -6.85
C ILE C 223 18.21 -2.30 -6.79
N VAL C 224 19.21 -2.96 -7.39
CA VAL C 224 20.60 -2.44 -7.50
C VAL C 224 20.64 -1.15 -8.33
N ALA C 225 19.97 -1.17 -9.49
CA ALA C 225 19.83 -0.03 -10.40
C ALA C 225 19.37 1.28 -9.70
N GLY C 226 18.10 1.29 -9.24
CA GLY C 226 17.50 2.44 -8.53
C GLY C 226 17.00 3.51 -9.48
N VAL C 227 16.78 3.11 -10.73
CA VAL C 227 16.41 4.01 -11.82
C VAL C 227 15.24 3.42 -12.58
N GLY C 228 14.45 4.28 -13.21
CA GLY C 228 13.31 3.86 -14.01
C GLY C 228 12.10 4.75 -13.89
N VAL C 229 11.19 4.64 -14.84
CA VAL C 229 9.90 5.30 -14.76
C VAL C 229 8.85 4.23 -14.99
N PRO C 230 7.93 4.05 -14.01
CA PRO C 230 6.85 3.07 -14.08
C PRO C 230 6.20 3.05 -15.46
N GLN C 231 5.91 1.85 -15.97
CA GLN C 231 5.67 1.63 -17.40
C GLN C 231 4.56 2.45 -18.05
N ILE C 232 3.40 2.49 -17.43
CA ILE C 232 2.28 3.26 -17.96
C ILE C 232 2.63 4.74 -18.12
N THR C 233 3.18 5.35 -17.08
CA THR C 233 3.62 6.74 -17.17
C THR C 233 4.69 6.94 -18.24
N ALA C 234 5.53 5.92 -18.46
CA ALA C 234 6.64 6.03 -19.40
C ALA C 234 6.16 6.01 -20.86
N ILE C 235 5.27 5.08 -21.19
CA ILE C 235 4.63 5.04 -22.52
C ILE C 235 3.92 6.36 -22.78
N GLU C 236 3.02 6.72 -21.86
CA GLU C 236 2.26 7.97 -21.90
C GLU C 236 3.11 9.21 -22.12
N LYS C 237 4.12 9.40 -21.28
CA LYS C 237 5.06 10.50 -21.43
C LYS C 237 5.71 10.46 -22.80
N CYS C 238 6.02 9.26 -23.30
CA CYS C 238 6.69 9.09 -24.60
C CYS C 238 5.78 9.29 -25.81
N SER C 239 4.59 8.69 -25.79
CA SER C 239 3.54 8.93 -26.79
C SER C 239 3.25 10.42 -26.99
N SER C 240 2.83 11.10 -25.93
CA SER C 240 2.51 12.53 -26.01
C SER C 240 3.59 13.38 -26.73
N VAL C 241 4.84 12.87 -26.77
CA VAL C 241 5.94 13.62 -27.37
C VAL C 241 6.41 12.97 -28.67
N ALA C 242 5.61 12.24 -29.38
CA ALA C 242 6.06 11.37 -30.49
C ALA C 242 4.92 10.69 -31.26
N SER C 243 3.68 10.91 -30.81
CA SER C 243 2.48 10.40 -31.50
C SER C 243 2.19 11.31 -32.71
N LYS C 244 2.62 12.57 -32.60
CA LYS C 244 2.55 13.59 -33.65
C LYS C 244 2.86 13.04 -35.05
N PHE C 245 4.12 12.63 -35.21
CA PHE C 245 4.60 11.99 -36.42
C PHE C 245 4.09 10.56 -36.34
N GLY C 246 3.84 9.93 -37.47
CA GLY C 246 3.43 8.52 -37.45
C GLY C 246 4.50 7.57 -36.93
N ILE C 247 5.23 8.02 -35.90
CA ILE C 247 6.31 7.25 -35.27
C ILE C 247 5.77 6.43 -34.11
N PRO C 248 5.78 5.09 -34.25
CA PRO C 248 5.24 4.19 -33.26
C PRO C 248 6.14 4.03 -32.05
N ILE C 249 5.53 3.98 -30.87
CA ILE C 249 6.22 3.59 -29.66
C ILE C 249 5.97 2.11 -29.40
N ILE C 250 7.02 1.44 -28.93
CA ILE C 250 7.00 0.02 -28.61
C ILE C 250 7.13 -0.15 -27.09
N ALA C 251 6.23 -0.94 -26.52
CA ALA C 251 6.20 -1.15 -25.09
C ALA C 251 7.10 -2.31 -24.69
N ASP C 252 8.30 -1.99 -24.21
CA ASP C 252 9.26 -3.02 -23.85
C ASP C 252 9.27 -3.39 -22.35
N GLY C 253 8.83 -4.60 -22.04
CA GLY C 253 9.07 -5.20 -20.74
C GLY C 253 8.10 -4.80 -19.65
N GLY C 254 8.16 -5.54 -18.54
CA GLY C 254 7.23 -5.39 -17.42
C GLY C 254 5.88 -6.06 -17.66
N ILE C 255 5.80 -6.86 -18.72
CA ILE C 255 4.55 -7.48 -19.15
C ILE C 255 4.36 -8.81 -18.39
N ARG C 256 3.11 -9.15 -18.07
CA ARG C 256 2.78 -10.33 -17.25
C ARG C 256 1.57 -11.14 -17.79
N TYR C 257 0.37 -10.57 -17.65
CA TYR C 257 -0.86 -11.22 -18.14
C TYR C 257 -1.39 -10.46 -19.36
N SER C 258 -2.26 -11.12 -20.12
CA SER C 258 -2.77 -10.55 -21.36
C SER C 258 -3.33 -9.13 -21.23
N GLY C 259 -3.85 -8.80 -20.06
CA GLY C 259 -4.39 -7.48 -19.79
C GLY C 259 -3.38 -6.38 -20.05
N ASP C 260 -2.14 -6.65 -19.66
CA ASP C 260 -1.06 -5.65 -19.75
C ASP C 260 -0.83 -5.11 -21.15
N ILE C 261 -0.95 -5.99 -22.15
CA ILE C 261 -0.87 -5.62 -23.56
C ILE C 261 -1.96 -4.63 -23.90
N GLY C 262 -3.19 -4.94 -23.49
CA GLY C 262 -4.32 -4.04 -23.67
C GLY C 262 -3.99 -2.66 -23.14
N LYS C 263 -3.70 -2.59 -21.83
CA LYS C 263 -3.30 -1.34 -21.15
C LYS C 263 -2.21 -0.59 -21.90
N ALA C 264 -1.14 -1.30 -22.26
CA ALA C 264 0.07 -0.72 -22.88
C ALA C 264 -0.19 -0.02 -24.20
N LEU C 265 -1.05 -0.59 -25.05
CA LEU C 265 -1.41 0.07 -26.30
C LEU C 265 -2.37 1.23 -26.03
N ALA C 266 -3.51 0.91 -25.41
CA ALA C 266 -4.51 1.90 -24.96
C ALA C 266 -3.98 3.32 -24.58
N VAL C 267 -2.79 3.36 -23.99
CA VAL C 267 -2.15 4.59 -23.51
C VAL C 267 -1.32 5.29 -24.59
N GLY C 268 -0.89 4.54 -25.61
CA GLY C 268 -0.15 5.13 -26.72
C GLY C 268 0.82 4.28 -27.52
N ALA C 269 1.20 3.12 -26.99
CA ALA C 269 2.13 2.24 -27.69
C ALA C 269 1.49 1.57 -28.91
N SER C 270 2.23 1.52 -30.03
CA SER C 270 1.72 0.86 -31.23
C SER C 270 1.88 -0.66 -31.20
N SER C 271 2.95 -1.12 -30.53
CA SER C 271 3.23 -2.54 -30.39
C SER C 271 3.94 -2.80 -29.09
N VAL C 272 3.65 -3.96 -28.49
CA VAL C 272 4.23 -4.37 -27.22
C VAL C 272 5.11 -5.63 -27.34
N MET C 273 6.31 -5.52 -26.79
CA MET C 273 7.29 -6.58 -26.83
C MET C 273 7.18 -7.46 -25.60
N ILE C 274 7.09 -8.77 -25.84
CA ILE C 274 6.97 -9.76 -24.78
C ILE C 274 8.26 -10.54 -24.62
N GLY C 275 8.83 -10.53 -23.41
CA GLY C 275 10.12 -11.16 -23.13
C GLY C 275 10.07 -12.45 -22.31
N SER C 276 10.00 -12.31 -21.00
CA SER C 276 10.02 -13.45 -20.09
C SER C 276 8.73 -14.31 -20.09
N ILE C 277 7.72 -13.92 -20.87
CA ILE C 277 6.52 -14.76 -21.04
C ILE C 277 6.72 -15.81 -22.14
N LEU C 278 7.74 -15.65 -22.97
CA LEU C 278 8.02 -16.62 -24.04
C LEU C 278 9.26 -17.47 -23.76
N ALA C 279 10.11 -16.99 -22.84
CA ALA C 279 11.38 -17.64 -22.45
C ALA C 279 11.52 -19.15 -22.69
N GLY C 280 10.73 -19.97 -22.00
CA GLY C 280 10.93 -21.42 -22.05
C GLY C 280 10.04 -22.25 -22.96
N THR C 281 9.68 -21.71 -24.11
CA THR C 281 8.82 -22.42 -25.07
C THR C 281 9.66 -23.20 -26.07
N GLU C 282 9.08 -24.24 -26.67
CA GLU C 282 9.82 -25.18 -27.52
C GLU C 282 10.61 -24.56 -28.68
N GLU C 283 10.10 -23.42 -29.18
CA GLU C 283 10.74 -22.72 -30.29
C GLU C 283 11.83 -21.76 -29.83
N SER C 284 12.20 -21.79 -28.56
CA SER C 284 13.30 -20.96 -28.07
C SER C 284 14.62 -21.74 -27.86
N PRO C 285 15.77 -21.03 -27.79
CA PRO C 285 17.15 -21.50 -27.70
C PRO C 285 17.47 -22.85 -27.02
N GLY C 286 16.94 -23.14 -25.84
CA GLY C 286 17.40 -24.31 -25.05
C GLY C 286 17.22 -25.71 -25.63
N GLU C 287 17.59 -26.72 -24.87
CA GLU C 287 17.26 -28.10 -25.15
C GLU C 287 16.42 -28.72 -24.03
N LYS C 288 15.51 -29.61 -24.33
CA LYS C 288 14.59 -30.20 -23.31
C LYS C 288 15.18 -31.35 -22.50
N GLU C 289 14.95 -31.33 -21.19
CA GLU C 289 15.42 -32.39 -20.26
C GLU C 289 14.63 -32.38 -18.94
N LEU C 290 14.24 -33.57 -18.47
CA LEU C 290 13.43 -33.69 -17.27
C LEU C 290 14.30 -33.99 -16.05
N ILE C 291 14.13 -33.16 -15.03
CA ILE C 291 14.74 -33.39 -13.71
C ILE C 291 13.65 -33.18 -12.65
N GLY C 292 13.23 -34.30 -12.05
CA GLY C 292 12.18 -34.30 -11.02
C GLY C 292 10.90 -33.62 -11.42
N ASP C 293 9.88 -34.37 -11.81
CA ASP C 293 8.53 -33.90 -12.10
C ASP C 293 8.54 -32.92 -13.26
N THR C 294 9.15 -31.76 -13.13
CA THR C 294 9.03 -30.68 -14.12
C THR C 294 10.19 -30.61 -15.11
N VAL C 295 9.85 -30.22 -16.34
CA VAL C 295 10.78 -30.12 -17.49
C VAL C 295 11.36 -28.70 -17.61
N TYR C 296 12.66 -28.60 -17.89
CA TYR C 296 13.36 -27.31 -17.95
C TYR C 296 14.10 -27.09 -19.27
N LYS C 297 14.67 -25.89 -19.43
CA LYS C 297 15.53 -25.53 -20.57
C LYS C 297 16.89 -25.05 -20.08
N ARG C 334 19.10 -21.51 -16.92
CA ARG C 334 18.05 -22.52 -17.06
C ARG C 334 16.70 -21.97 -16.60
N VAL C 335 15.61 -22.47 -17.20
CA VAL C 335 14.25 -21.95 -16.96
C VAL C 335 13.16 -23.00 -17.24
N LYS C 336 12.04 -22.91 -16.53
CA LYS C 336 10.93 -23.84 -16.65
C LYS C 336 10.32 -23.81 -18.05
N TYR C 337 9.99 -25.01 -18.55
CA TYR C 337 9.42 -25.22 -19.89
C TYR C 337 8.00 -24.66 -20.01
N LYS C 338 7.64 -24.16 -21.20
CA LYS C 338 6.32 -23.57 -21.43
C LYS C 338 5.46 -24.23 -22.53
N GLY C 339 6.04 -25.07 -23.37
CA GLY C 339 5.27 -25.75 -24.43
C GLY C 339 5.29 -25.00 -25.75
N GLU C 340 4.28 -25.26 -26.61
CA GLU C 340 4.16 -24.57 -27.89
C GLU C 340 3.93 -23.08 -27.68
N MET C 341 4.44 -22.24 -28.57
CA MET C 341 4.37 -20.79 -28.36
C MET C 341 3.08 -20.19 -28.95
N GLU C 342 2.47 -20.88 -29.91
CA GLU C 342 1.15 -20.49 -30.41
C GLU C 342 0.12 -20.28 -29.30
N GLY C 343 0.18 -21.12 -28.26
CA GLY C 343 -0.72 -21.04 -27.10
C GLY C 343 -0.50 -19.85 -26.18
N VAL C 344 0.76 -19.41 -26.09
CA VAL C 344 1.10 -18.23 -25.31
C VAL C 344 0.58 -16.98 -26.04
N VAL C 345 0.45 -17.09 -27.36
CA VAL C 345 0.05 -15.98 -28.23
C VAL C 345 -1.45 -15.92 -28.50
N TYR C 346 -2.08 -17.09 -28.75
CA TYR C 346 -3.52 -17.14 -28.94
C TYR C 346 -4.27 -16.61 -27.73
N GLN C 347 -3.88 -17.11 -26.54
CA GLN C 347 -4.38 -16.58 -25.27
C GLN C 347 -4.12 -15.07 -25.16
N LEU C 348 -2.92 -14.62 -25.52
CA LEU C 348 -2.60 -13.18 -25.52
C LEU C 348 -3.35 -12.41 -26.59
N VAL C 349 -3.70 -13.09 -27.68
CA VAL C 349 -4.47 -12.50 -28.75
C VAL C 349 -5.89 -12.28 -28.29
N GLY C 350 -6.47 -13.28 -27.63
CA GLY C 350 -7.83 -13.22 -27.07
C GLY C 350 -8.03 -12.19 -25.97
N GLY C 351 -6.95 -11.78 -25.33
CA GLY C 351 -6.98 -10.73 -24.31
C GLY C 351 -7.09 -9.34 -24.88
N LEU C 352 -6.41 -9.08 -25.98
CA LEU C 352 -6.57 -7.81 -26.71
C LEU C 352 -7.92 -7.72 -27.42
N ARG C 353 -8.40 -8.88 -27.89
CA ARG C 353 -9.72 -9.00 -28.51
C ARG C 353 -10.71 -8.42 -27.54
N SER C 354 -10.69 -8.99 -26.33
CA SER C 354 -11.65 -8.72 -25.29
C SER C 354 -11.50 -7.28 -24.78
N CYS C 355 -10.26 -6.89 -24.51
CA CYS C 355 -9.95 -5.57 -23.98
C CYS C 355 -10.50 -4.48 -24.88
N MET C 356 -10.24 -4.61 -26.18
CA MET C 356 -10.76 -3.68 -27.15
C MET C 356 -12.29 -3.77 -27.26
N GLY C 357 -12.82 -4.97 -27.03
CA GLY C 357 -14.28 -5.20 -26.99
C GLY C 357 -14.97 -4.37 -25.93
N TYR C 358 -14.40 -4.33 -24.73
CA TYR C 358 -14.89 -3.51 -23.61
C TYR C 358 -14.71 -2.03 -23.87
N LEU C 359 -13.53 -1.66 -24.37
CA LEU C 359 -13.24 -0.27 -24.66
C LEU C 359 -13.70 0.09 -26.06
N GLY C 360 -14.57 -0.77 -26.61
CA GLY C 360 -15.22 -0.57 -27.90
C GLY C 360 -14.39 0.28 -28.86
N SER C 361 -13.22 -0.21 -29.22
CA SER C 361 -12.43 0.32 -30.33
C SER C 361 -12.25 -0.72 -31.43
N ALA C 362 -12.63 -0.39 -32.64
CA ALA C 362 -12.43 -1.28 -33.79
C ALA C 362 -10.93 -1.48 -34.11
N SER C 363 -10.13 -0.45 -33.85
CA SER C 363 -8.70 -0.46 -34.13
C SER C 363 -7.81 -0.01 -32.93
N ILE C 364 -6.49 0.01 -33.16
CA ILE C 364 -5.50 0.55 -32.22
C ILE C 364 -5.46 2.08 -32.26
N GLU C 365 -5.47 2.68 -33.47
CA GLU C 365 -5.51 4.13 -33.64
C GLU C 365 -6.84 4.71 -33.13
N GLU C 366 -7.92 3.91 -33.24
CA GLU C 366 -9.22 4.20 -32.62
C GLU C 366 -9.03 4.40 -31.12
N LEU C 367 -8.43 3.40 -30.48
CA LEU C 367 -8.19 3.37 -29.03
C LEU C 367 -7.40 4.55 -28.45
N TRP C 368 -6.35 4.99 -29.11
CA TRP C 368 -5.55 6.11 -28.63
C TRP C 368 -6.33 7.42 -28.68
N LYS C 369 -7.59 7.39 -29.08
CA LYS C 369 -8.47 8.56 -29.06
C LYS C 369 -9.55 8.41 -28.01
N LYS C 370 -10.01 7.20 -27.69
CA LYS C 370 -11.09 6.98 -26.72
C LYS C 370 -10.76 6.08 -25.49
N SER C 371 -9.67 6.40 -24.79
CA SER C 371 -9.19 5.57 -23.68
C SER C 371 -9.07 6.24 -22.31
N SER C 372 -9.95 5.81 -21.41
CA SER C 372 -9.98 6.24 -20.00
C SER C 372 -9.48 5.13 -19.11
N TYR C 373 -8.78 5.48 -18.04
CA TYR C 373 -8.45 4.52 -16.97
C TYR C 373 -8.62 5.11 -15.56
N VAL C 374 -8.84 4.23 -14.59
CA VAL C 374 -8.95 4.58 -13.16
C VAL C 374 -7.84 3.93 -12.34
N GLU C 375 -7.48 4.55 -11.22
CA GLU C 375 -6.46 4.01 -10.29
C GLU C 375 -7.03 3.02 -9.26
N ILE C 376 -6.23 2.04 -8.88
CA ILE C 376 -6.55 1.05 -7.86
C ILE C 376 -5.49 1.21 -6.78
N THR C 377 -5.83 0.94 -5.51
CA THR C 377 -4.80 0.77 -4.49
C THR C 377 -4.61 -0.73 -4.14
N THR C 378 -3.44 -1.08 -3.60
CA THR C 378 -3.06 -2.49 -3.30
C THR C 378 -4.03 -3.28 -2.37
N SER C 379 -5.15 -2.65 -2.00
CA SER C 379 -6.10 -3.19 -1.01
C SER C 379 -7.34 -3.87 -1.63
N THR D 3 -6.01 14.06 -20.93
CA THR D 3 -5.59 13.14 -19.83
C THR D 3 -6.48 11.90 -19.77
N LYS D 4 -5.86 10.75 -20.03
CA LYS D 4 -6.56 9.46 -20.01
C LYS D 4 -6.98 9.09 -18.59
N ASN D 5 -6.36 9.68 -17.59
CA ASN D 5 -6.52 9.36 -16.15
C ASN D 5 -7.74 10.02 -15.52
N ILE D 6 -8.83 9.28 -15.36
CA ILE D 6 -10.04 9.84 -14.73
C ILE D 6 -9.79 10.27 -13.28
N GLY D 7 -9.43 9.34 -12.41
CA GLY D 7 -9.14 9.67 -11.02
C GLY D 7 -9.17 8.45 -10.13
N LYS D 8 -8.98 8.67 -8.83
CA LYS D 8 -8.89 7.61 -7.82
C LYS D 8 -10.20 6.84 -7.72
N GLY D 9 -10.14 5.51 -7.88
CA GLY D 9 -11.33 4.66 -7.82
C GLY D 9 -11.29 3.70 -6.65
N LEU D 10 -12.32 3.72 -5.80
CA LEU D 10 -12.29 3.02 -4.52
C LEU D 10 -13.10 1.74 -4.50
N THR D 11 -12.59 0.73 -3.80
CA THR D 11 -13.34 -0.50 -3.51
C THR D 11 -13.84 -0.58 -2.04
N PHE D 12 -14.47 -1.69 -1.66
CA PHE D 12 -14.99 -1.86 -0.29
C PHE D 12 -13.87 -1.85 0.75
N GLU D 13 -12.78 -2.53 0.43
CA GLU D 13 -11.60 -2.55 1.28
C GLU D 13 -10.97 -1.16 1.39
N ASP D 14 -11.35 -0.23 0.52
CA ASP D 14 -10.72 1.11 0.49
C ASP D 14 -11.29 2.13 1.48
N ILE D 15 -12.55 1.93 1.87
CA ILE D 15 -13.23 2.85 2.79
C ILE D 15 -13.95 2.16 3.96
N LEU D 16 -14.11 2.90 5.05
CA LEU D 16 -14.97 2.50 6.13
C LEU D 16 -16.06 3.54 6.22
N LEU D 17 -17.21 3.18 6.80
CA LEU D 17 -18.32 4.10 6.99
C LEU D 17 -18.27 4.85 8.32
N VAL D 18 -18.64 6.13 8.30
CA VAL D 18 -18.66 6.95 9.52
C VAL D 18 -20.02 6.82 10.24
N PRO D 19 -20.00 6.53 11.57
CA PRO D 19 -21.20 6.48 12.40
C PRO D 19 -21.82 7.84 12.63
N ASN D 20 -23.15 7.83 12.77
CA ASN D 20 -23.97 9.02 12.88
C ASN D 20 -24.78 8.98 14.19
N TYR D 21 -25.47 10.06 14.53
CA TYR D 21 -26.40 10.02 15.64
C TYR D 21 -27.47 8.95 15.38
N SER D 22 -27.71 8.10 16.35
CA SER D 22 -28.64 6.99 16.22
C SER D 22 -29.75 6.98 17.26
N GLU D 23 -30.95 6.73 16.80
CA GLU D 23 -32.13 6.50 17.64
C GLU D 23 -32.72 5.12 17.40
N VAL D 24 -32.37 4.53 16.23
CA VAL D 24 -32.87 3.19 15.85
C VAL D 24 -31.97 2.03 16.28
N LEU D 25 -32.58 1.01 16.87
CA LEU D 25 -31.86 -0.21 17.21
C LEU D 25 -31.75 -1.12 15.97
N PRO D 26 -30.73 -2.02 15.93
CA PRO D 26 -30.59 -3.01 14.86
C PRO D 26 -31.92 -3.57 14.39
N ARG D 27 -32.82 -3.89 15.33
CA ARG D 27 -34.12 -4.49 15.04
C ARG D 27 -35.01 -3.54 14.26
N GLU D 28 -35.37 -2.40 14.84
CA GLU D 28 -36.31 -1.46 14.23
C GLU D 28 -36.12 -1.18 12.72
N VAL D 29 -34.87 -1.26 12.25
CA VAL D 29 -34.51 -0.88 10.87
C VAL D 29 -35.36 -1.56 9.80
N SER D 30 -35.78 -0.75 8.81
CA SER D 30 -36.56 -1.22 7.66
C SER D 30 -35.66 -1.73 6.56
N LEU D 31 -35.81 -3.00 6.24
CA LEU D 31 -35.04 -3.58 5.15
C LEU D 31 -35.72 -3.53 3.76
N GLU D 32 -37.04 -3.35 3.72
CA GLU D 32 -37.78 -3.18 2.47
C GLU D 32 -37.11 -2.16 1.57
N THR D 33 -37.13 -2.43 0.26
CA THR D 33 -36.61 -1.53 -0.78
C THR D 33 -37.04 -1.99 -2.16
N LYS D 34 -36.83 -1.13 -3.17
CA LYS D 34 -37.29 -1.35 -4.53
C LYS D 34 -36.27 -2.18 -5.32
N LEU D 35 -36.77 -3.20 -6.04
CA LEU D 35 -35.93 -4.04 -6.90
C LEU D 35 -35.83 -3.42 -8.29
N THR D 36 -36.99 -3.16 -8.89
CA THR D 36 -37.14 -2.44 -10.16
C THR D 36 -37.90 -1.15 -9.86
N LYS D 37 -38.89 -0.80 -10.67
CA LYS D 37 -39.93 0.14 -10.28
C LYS D 37 -41.14 -0.58 -9.68
N ASN D 38 -41.85 -1.35 -10.54
CA ASN D 38 -43.07 -2.06 -10.16
C ASN D 38 -42.87 -3.33 -9.33
N VAL D 39 -41.62 -3.73 -9.14
CA VAL D 39 -41.30 -4.85 -8.24
C VAL D 39 -40.45 -4.35 -7.07
N SER D 40 -40.64 -4.95 -5.91
CA SER D 40 -39.88 -4.56 -4.73
C SER D 40 -39.54 -5.75 -3.85
N LEU D 41 -38.50 -5.60 -3.01
CA LEU D 41 -37.99 -6.66 -2.17
C LEU D 41 -38.06 -6.28 -0.69
N LYS D 42 -38.41 -7.24 0.18
CA LYS D 42 -38.57 -6.99 1.61
C LYS D 42 -37.20 -6.90 2.29
N ILE D 43 -36.22 -7.70 1.86
CA ILE D 43 -34.78 -7.52 2.20
C ILE D 43 -33.97 -7.29 0.92
N PRO D 44 -32.87 -6.51 1.00
CA PRO D 44 -32.19 -6.04 -0.21
C PRO D 44 -31.15 -7.00 -0.81
N LEU D 45 -31.43 -8.30 -0.74
CA LEU D 45 -30.51 -9.34 -1.22
C LEU D 45 -31.13 -10.23 -2.30
N ILE D 46 -30.45 -10.38 -3.41
CA ILE D 46 -30.93 -11.22 -4.50
C ILE D 46 -29.83 -12.17 -4.94
N SER D 47 -30.19 -13.44 -5.09
CA SER D 47 -29.27 -14.51 -5.52
C SER D 47 -28.72 -14.32 -6.94
N SER D 48 -27.48 -14.74 -7.14
CA SER D 48 -26.78 -14.45 -8.39
C SER D 48 -27.13 -15.42 -9.52
N ALA D 49 -27.10 -14.92 -10.76
CA ALA D 49 -27.44 -15.71 -11.93
C ALA D 49 -26.27 -16.60 -12.36
N MET D 50 -25.77 -17.41 -11.42
CA MET D 50 -24.61 -18.28 -11.64
C MET D 50 -25.00 -19.74 -11.47
N ASP D 51 -24.66 -20.57 -12.48
CA ASP D 51 -25.06 -21.99 -12.50
C ASP D 51 -24.62 -22.78 -11.27
N THR D 52 -23.53 -22.33 -10.65
CA THR D 52 -22.98 -22.99 -9.48
C THR D 52 -23.68 -22.59 -8.18
N VAL D 53 -24.62 -21.64 -8.27
CA VAL D 53 -25.30 -21.09 -7.07
C VAL D 53 -26.85 -21.15 -7.05
N THR D 54 -27.53 -20.58 -8.03
CA THR D 54 -29.00 -20.36 -7.96
C THR D 54 -29.92 -21.21 -8.90
N GLU D 55 -30.57 -22.24 -8.34
CA GLU D 55 -31.51 -23.03 -9.12
C GLU D 55 -32.94 -23.08 -8.54
N HIS D 56 -33.28 -24.12 -7.78
CA HIS D 56 -34.65 -24.32 -7.29
C HIS D 56 -34.87 -23.92 -5.85
N LEU D 57 -34.50 -24.82 -4.94
CA LEU D 57 -34.60 -24.61 -3.50
C LEU D 57 -33.98 -23.26 -3.07
N MET D 58 -33.28 -22.63 -4.01
CA MET D 58 -32.60 -21.37 -3.80
C MET D 58 -33.59 -20.22 -3.92
N ALA D 59 -34.24 -20.12 -5.07
CA ALA D 59 -35.24 -19.06 -5.29
C ALA D 59 -36.36 -19.15 -4.24
N VAL D 60 -36.55 -20.36 -3.71
CA VAL D 60 -37.36 -20.61 -2.51
C VAL D 60 -36.80 -19.74 -1.37
N GLY D 61 -35.80 -20.27 -0.64
CA GLY D 61 -35.11 -19.54 0.45
C GLY D 61 -34.89 -18.03 0.21
N MET D 62 -34.80 -17.63 -1.05
CA MET D 62 -34.61 -16.22 -1.40
C MET D 62 -35.86 -15.36 -1.26
N ALA D 63 -37.01 -15.88 -1.70
CA ALA D 63 -38.24 -15.10 -1.64
C ALA D 63 -39.00 -15.26 -0.33
N ARG D 64 -38.89 -16.43 0.30
CA ARG D 64 -39.54 -16.63 1.60
C ARG D 64 -38.78 -15.99 2.75
N LEU D 65 -37.54 -15.58 2.50
CA LEU D 65 -36.78 -14.84 3.51
C LEU D 65 -36.68 -13.33 3.26
N GLY D 66 -37.17 -12.87 2.11
CA GLY D 66 -37.37 -11.44 1.93
C GLY D 66 -37.11 -10.85 0.57
N GLY D 67 -36.22 -11.47 -0.19
CA GLY D 67 -35.83 -10.95 -1.51
C GLY D 67 -36.27 -11.82 -2.68
N ILE D 68 -35.66 -11.59 -3.84
CA ILE D 68 -35.92 -12.42 -5.04
C ILE D 68 -34.70 -13.32 -5.32
N GLY D 69 -34.82 -14.22 -6.30
CA GLY D 69 -33.69 -15.03 -6.76
C GLY D 69 -33.66 -15.11 -8.29
N ILE D 70 -32.50 -14.84 -8.89
CA ILE D 70 -32.39 -14.86 -10.34
C ILE D 70 -31.78 -16.16 -10.87
N ILE D 71 -32.44 -16.75 -11.88
CA ILE D 71 -32.03 -18.03 -12.50
C ILE D 71 -31.22 -17.80 -13.79
N HIS D 72 -30.36 -18.76 -14.12
CA HIS D 72 -29.36 -18.61 -15.19
C HIS D 72 -29.83 -18.99 -16.61
N LYS D 73 -29.00 -18.64 -17.59
CA LYS D 73 -29.25 -18.91 -19.01
C LYS D 73 -28.57 -20.20 -19.55
N ASN D 74 -28.09 -21.07 -18.67
CA ASN D 74 -27.38 -22.31 -19.08
C ASN D 74 -28.20 -23.58 -18.98
N MET D 75 -29.39 -23.53 -19.59
CA MET D 75 -30.29 -24.68 -19.66
C MET D 75 -31.24 -24.58 -20.87
N ASP D 76 -31.74 -25.74 -21.34
CA ASP D 76 -32.74 -25.80 -22.39
C ASP D 76 -34.07 -25.20 -21.91
N MET D 77 -34.59 -24.22 -22.67
CA MET D 77 -35.82 -23.45 -22.38
C MET D 77 -36.78 -24.01 -21.31
N GLU D 78 -37.28 -25.22 -21.52
CA GLU D 78 -38.29 -25.86 -20.65
C GLU D 78 -37.82 -26.14 -19.23
N SER D 79 -36.51 -26.00 -19.01
CA SER D 79 -35.91 -26.16 -17.67
C SER D 79 -35.89 -24.82 -16.90
N GLN D 80 -35.65 -23.70 -17.61
CA GLN D 80 -35.83 -22.37 -17.05
C GLN D 80 -37.30 -22.01 -16.95
N VAL D 81 -38.16 -22.60 -17.82
CA VAL D 81 -39.60 -22.47 -17.73
C VAL D 81 -40.18 -23.38 -16.66
N ASN D 82 -39.73 -24.64 -16.59
CA ASN D 82 -40.16 -25.57 -15.56
C ASN D 82 -39.47 -25.31 -14.22
N GLU D 83 -38.56 -24.33 -14.12
CA GLU D 83 -37.94 -23.91 -12.87
C GLU D 83 -38.69 -22.74 -12.25
N VAL D 84 -38.93 -21.68 -13.02
CA VAL D 84 -39.72 -20.52 -12.61
C VAL D 84 -41.14 -20.91 -12.17
N LEU D 85 -41.76 -21.82 -12.92
CA LEU D 85 -43.10 -22.31 -12.62
C LEU D 85 -43.10 -23.25 -11.42
N LYS D 86 -41.96 -23.85 -11.09
CA LYS D 86 -41.84 -24.71 -9.92
C LYS D 86 -41.79 -23.88 -8.64
N VAL D 87 -41.29 -22.64 -8.72
CA VAL D 87 -41.22 -21.67 -7.61
C VAL D 87 -42.59 -21.01 -7.29
N LYS D 88 -43.18 -20.34 -8.28
CA LYS D 88 -44.48 -19.68 -8.16
C LYS D 88 -45.55 -20.64 -7.66
N ASN D 89 -45.44 -21.91 -8.02
CA ASN D 89 -46.33 -22.95 -7.49
C ASN D 89 -45.91 -23.39 -6.10
N TRP D 90 -46.86 -23.43 -5.17
CA TRP D 90 -46.65 -24.10 -3.89
C TRP D 90 -47.95 -24.68 -3.31
N ILE D 91 -47.75 -25.66 -2.41
CA ILE D 91 -48.82 -26.43 -1.79
C ILE D 91 -49.05 -25.94 -0.37
N ALA D 123 -42.87 -21.67 10.65
CA ALA D 123 -43.07 -20.31 11.12
C ALA D 123 -42.24 -19.33 10.29
N TYR D 124 -42.05 -19.67 9.00
CA TYR D 124 -41.32 -18.86 8.02
C TYR D 124 -42.03 -17.54 7.75
N SER D 125 -41.92 -16.56 8.65
CA SER D 125 -42.62 -15.28 8.67
C SER D 125 -42.47 -14.54 7.34
N ASN D 126 -41.84 -13.32 7.39
CA ASN D 126 -41.49 -12.53 6.18
C ASN D 126 -42.20 -12.82 4.85
N GLU D 127 -41.52 -13.50 3.93
CA GLU D 127 -42.06 -14.13 2.72
C GLU D 127 -42.46 -13.10 1.68
N ASN D 128 -41.60 -12.91 0.66
CA ASN D 128 -41.90 -12.03 -0.48
C ASN D 128 -42.76 -12.74 -1.54
N LEU D 129 -43.94 -12.18 -1.84
CA LEU D 129 -44.93 -12.78 -2.77
C LEU D 129 -45.23 -11.93 -4.02
N ASP D 130 -46.04 -12.46 -4.96
CA ASP D 130 -46.49 -11.79 -6.18
C ASP D 130 -47.63 -10.82 -5.89
N ASN D 131 -48.41 -10.44 -6.95
CA ASN D 131 -49.69 -9.75 -6.73
C ASN D 131 -50.83 -10.77 -6.64
N LYS D 132 -50.75 -11.84 -7.44
CA LYS D 132 -51.63 -12.99 -7.29
C LYS D 132 -51.16 -13.90 -6.16
N GLY D 133 -50.50 -13.26 -5.14
CA GLY D 133 -50.00 -13.88 -3.91
C GLY D 133 -49.40 -15.28 -3.93
N ARG D 134 -48.12 -15.39 -4.31
CA ARG D 134 -47.45 -16.71 -4.39
C ARG D 134 -46.00 -16.67 -3.90
N LEU D 135 -45.04 -16.84 -4.81
CA LEU D 135 -43.65 -16.53 -4.53
C LEU D 135 -43.10 -15.64 -5.64
N ARG D 136 -41.80 -15.32 -5.55
CA ARG D 136 -41.13 -14.41 -6.50
C ARG D 136 -39.91 -15.08 -7.15
N VAL D 137 -39.71 -14.85 -8.46
CA VAL D 137 -38.55 -15.42 -9.16
C VAL D 137 -38.09 -14.54 -10.30
N GLY D 138 -36.98 -14.96 -10.94
CA GLY D 138 -36.38 -14.22 -12.05
C GLY D 138 -35.58 -15.11 -13.00
N ALA D 139 -35.07 -14.50 -14.06
CA ALA D 139 -34.37 -15.26 -15.11
C ALA D 139 -33.34 -14.42 -15.83
N ALA D 140 -32.32 -15.08 -16.36
CA ALA D 140 -31.29 -14.41 -17.16
C ALA D 140 -31.55 -14.58 -18.65
N ILE D 141 -31.34 -13.50 -19.40
CA ILE D 141 -31.54 -13.48 -20.85
C ILE D 141 -30.18 -13.21 -21.51
N GLY D 142 -29.79 -14.09 -22.44
CA GLY D 142 -28.58 -13.88 -23.24
C GLY D 142 -28.87 -13.35 -24.64
N VAL D 143 -28.18 -12.25 -24.98
CA VAL D 143 -28.26 -11.61 -26.32
C VAL D 143 -27.64 -12.52 -27.37
N GLU D 145 -30.95 -13.28 -28.14
CA GLU D 145 -32.17 -14.10 -28.16
C GLU D 145 -33.35 -13.31 -27.60
N ILE D 146 -34.56 -13.69 -27.95
CA ILE D 146 -35.82 -13.05 -27.49
C ILE D 146 -36.90 -14.08 -27.13
N GLU D 147 -36.72 -15.34 -27.58
CA GLU D 147 -37.68 -16.41 -27.38
C GLU D 147 -37.69 -16.89 -25.93
N ARG D 148 -36.54 -16.88 -25.27
CA ARG D 148 -36.39 -17.27 -23.87
C ARG D 148 -37.03 -16.26 -22.94
N ALA D 149 -37.03 -15.00 -23.39
CA ALA D 149 -37.76 -13.92 -22.72
C ALA D 149 -39.28 -14.08 -22.89
N LYS D 150 -39.70 -14.70 -23.98
CA LYS D 150 -41.11 -14.92 -24.25
C LYS D 150 -41.70 -15.95 -23.30
N LEU D 151 -41.26 -17.21 -23.36
CA LEU D 151 -41.85 -18.31 -22.59
C LEU D 151 -41.58 -18.13 -21.10
N LEU D 152 -40.77 -17.14 -20.74
CA LEU D 152 -40.52 -16.78 -19.36
C LEU D 152 -41.61 -15.87 -18.81
N VAL D 153 -41.79 -14.73 -19.50
CA VAL D 153 -42.85 -13.77 -19.16
C VAL D 153 -44.24 -14.42 -19.13
N GLU D 154 -44.54 -15.25 -20.12
CA GLU D 154 -45.81 -15.97 -20.17
C GLU D 154 -46.01 -16.93 -18.99
N ALA D 155 -44.94 -17.60 -18.57
CA ALA D 155 -45.04 -18.55 -17.46
C ALA D 155 -45.20 -17.82 -16.13
N GLY D 156 -45.23 -16.50 -16.21
CA GLY D 156 -45.38 -15.64 -15.02
C GLY D 156 -44.06 -15.39 -14.27
N VAL D 157 -43.16 -14.64 -14.91
CA VAL D 157 -41.88 -14.28 -14.30
C VAL D 157 -41.94 -12.82 -13.86
N ASP D 158 -41.50 -12.57 -12.63
CA ASP D 158 -41.62 -11.25 -12.01
C ASP D 158 -40.59 -10.24 -12.56
N VAL D 159 -39.33 -10.68 -12.77
CA VAL D 159 -38.33 -9.89 -13.49
C VAL D 159 -37.45 -10.79 -14.36
N ILE D 160 -36.91 -10.22 -15.47
CA ILE D 160 -35.89 -10.89 -16.26
C ILE D 160 -34.70 -9.96 -16.53
N VAL D 161 -33.49 -10.49 -16.32
CA VAL D 161 -32.26 -9.69 -16.33
C VAL D 161 -31.42 -9.89 -17.60
N LEU D 162 -31.04 -8.78 -18.23
CA LEU D 162 -30.20 -8.83 -19.41
C LEU D 162 -28.73 -8.92 -19.05
N ASP D 163 -28.29 -10.00 -18.38
CA ASP D 163 -26.93 -10.18 -17.93
C ASP D 163 -25.97 -10.34 -19.11
N SER D 164 -24.92 -9.51 -19.12
CA SER D 164 -23.92 -9.48 -20.18
C SER D 164 -22.64 -8.86 -19.64
N ALA D 165 -21.50 -9.44 -19.97
CA ALA D 165 -20.22 -8.92 -19.48
C ALA D 165 -19.92 -7.46 -19.85
N HIS D 166 -20.79 -6.86 -20.68
CA HIS D 166 -20.68 -5.43 -21.07
C HIS D 166 -22.02 -4.89 -21.61
N GLY D 167 -22.76 -4.18 -20.76
CA GLY D 167 -24.10 -3.66 -21.10
C GLY D 167 -24.19 -2.55 -22.13
N HIS D 168 -23.26 -1.61 -22.07
CA HIS D 168 -23.27 -0.39 -22.88
C HIS D 168 -22.85 -0.64 -24.34
N SER D 169 -23.79 -1.13 -25.14
CA SER D 169 -23.49 -1.52 -26.53
C SER D 169 -24.62 -1.22 -27.55
N LEU D 170 -24.62 -1.96 -28.68
CA LEU D 170 -25.68 -1.91 -29.68
C LEU D 170 -26.51 -3.21 -29.60
N ASN D 171 -25.83 -4.34 -29.43
CA ASN D 171 -26.53 -5.63 -29.35
C ASN D 171 -27.42 -5.74 -28.11
N ILE D 172 -27.14 -4.90 -27.11
CA ILE D 172 -27.83 -4.98 -25.82
C ILE D 172 -28.78 -3.79 -25.69
N ILE D 173 -28.30 -2.61 -26.09
CA ILE D 173 -29.14 -1.41 -26.21
C ILE D 173 -30.44 -1.70 -26.98
N ARG D 174 -30.40 -2.77 -27.82
CA ARG D 174 -31.45 -3.10 -28.78
C ARG D 174 -32.36 -4.21 -28.24
N THR D 175 -31.78 -5.24 -27.67
CA THR D 175 -32.55 -6.31 -27.03
C THR D 175 -33.49 -5.70 -25.98
N LEU D 176 -33.24 -4.43 -25.63
CA LEU D 176 -34.19 -3.65 -24.83
C LEU D 176 -35.53 -3.39 -25.54
N LYS D 177 -35.52 -2.59 -26.61
CA LYS D 177 -36.72 -2.26 -27.39
C LYS D 177 -37.41 -3.50 -27.98
N GLU D 178 -36.60 -4.48 -28.38
CA GLU D 178 -37.07 -5.79 -28.84
C GLU D 178 -37.75 -6.63 -27.73
N ILE D 179 -37.89 -6.05 -26.53
CA ILE D 179 -38.58 -6.67 -25.39
C ILE D 179 -39.67 -5.75 -24.83
N LYS D 180 -39.35 -4.45 -24.72
CA LYS D 180 -40.28 -3.42 -24.26
C LYS D 180 -41.57 -3.44 -25.08
N SER D 181 -41.41 -3.49 -26.40
CA SER D 181 -42.54 -3.55 -27.33
C SER D 181 -42.94 -4.99 -27.71
N LYS D 182 -42.97 -5.89 -26.74
CA LYS D 182 -43.57 -7.23 -26.91
C LYS D 182 -44.12 -7.77 -25.58
N MET D 183 -43.22 -8.12 -24.65
CA MET D 183 -43.62 -8.70 -23.37
C MET D 183 -43.96 -7.62 -22.36
N ILE D 185 -43.11 -5.62 -19.38
CA ILE D 185 -42.33 -6.24 -18.30
C ILE D 185 -41.10 -5.41 -17.90
N ASP D 186 -40.94 -5.24 -16.58
CA ASP D 186 -39.74 -4.66 -15.97
C ASP D 186 -38.45 -5.42 -16.33
N VAL D 187 -37.54 -4.73 -17.01
CA VAL D 187 -36.24 -5.29 -17.39
C VAL D 187 -35.06 -4.61 -16.65
N ILE D 188 -34.20 -5.45 -16.04
CA ILE D 188 -32.90 -5.03 -15.55
C ILE D 188 -31.85 -5.39 -16.62
N VAL D 189 -31.18 -4.38 -17.16
CA VAL D 189 -30.13 -4.60 -18.14
C VAL D 189 -28.83 -4.99 -17.41
N GLY D 190 -27.97 -5.75 -18.10
CA GLY D 190 -26.73 -6.30 -17.53
C GLY D 190 -25.69 -5.28 -17.10
N ASN D 191 -24.46 -5.74 -16.86
CA ASN D 191 -23.46 -4.93 -16.15
C ASN D 191 -22.81 -3.77 -16.90
N VAL D 192 -22.67 -2.67 -16.17
CA VAL D 192 -22.07 -1.41 -16.64
C VAL D 192 -21.25 -0.80 -15.47
N VAL D 193 -20.56 0.32 -15.70
CA VAL D 193 -19.80 1.04 -14.64
C VAL D 193 -19.69 2.55 -14.88
N THR D 194 -20.37 3.04 -15.92
CA THR D 194 -20.25 4.44 -16.33
C THR D 194 -21.55 5.24 -16.26
N GLU D 195 -21.38 6.55 -16.09
CA GLU D 195 -22.46 7.51 -16.10
C GLU D 195 -23.13 7.57 -17.48
N GLU D 196 -22.32 7.51 -18.55
CA GLU D 196 -22.81 7.44 -19.93
C GLU D 196 -23.67 6.20 -20.17
N ALA D 197 -23.26 5.08 -19.57
CA ALA D 197 -23.91 3.79 -19.78
C ALA D 197 -25.25 3.62 -19.04
N THR D 198 -25.69 4.68 -18.38
CA THR D 198 -26.85 4.61 -17.49
C THR D 198 -27.92 5.61 -17.91
N LYS D 199 -27.49 6.85 -18.29
CA LYS D 199 -28.39 7.69 -19.07
C LYS D 199 -28.85 6.98 -20.34
N GLU D 200 -27.81 6.66 -21.17
CA GLU D 200 -27.99 5.90 -22.41
C GLU D 200 -28.90 4.65 -22.28
N LEU D 201 -28.87 4.00 -21.13
CA LEU D 201 -29.66 2.80 -20.93
C LEU D 201 -31.11 3.02 -20.50
N ILE D 202 -31.32 3.95 -19.56
CA ILE D 202 -32.65 4.16 -18.96
C ILE D 202 -33.60 4.83 -19.95
N GLU D 203 -33.03 5.68 -20.81
CA GLU D 203 -33.78 6.26 -21.90
C GLU D 203 -34.55 5.15 -22.64
N ASN D 204 -33.84 4.14 -23.12
CA ASN D 204 -34.44 3.00 -23.83
C ASN D 204 -35.21 2.07 -22.90
N GLY D 205 -35.56 2.60 -21.73
CA GLY D 205 -36.41 1.88 -20.78
C GLY D 205 -35.67 0.86 -19.93
N ALA D 206 -34.57 1.30 -19.31
CA ALA D 206 -33.85 0.44 -18.36
C ALA D 206 -34.54 0.50 -17.01
N ASP D 207 -35.21 -0.59 -16.62
CA ASP D 207 -35.98 -0.60 -15.35
C ASP D 207 -35.18 -1.17 -14.16
N GLY D 208 -34.00 -0.60 -13.92
CA GLY D 208 -33.03 -1.19 -12.99
C GLY D 208 -31.68 -1.48 -13.64
N ILE D 209 -30.61 -1.36 -12.85
CA ILE D 209 -29.24 -1.45 -13.38
C ILE D 209 -28.30 -2.31 -12.50
N LYS D 210 -27.62 -3.26 -13.15
CA LYS D 210 -26.54 -4.07 -12.53
C LYS D 210 -25.19 -3.41 -12.80
N VAL D 211 -24.49 -3.06 -11.71
CA VAL D 211 -23.14 -2.51 -11.79
C VAL D 211 -22.12 -3.51 -11.25
N GLY D 212 -20.94 -3.56 -11.90
CA GLY D 212 -19.91 -4.55 -11.56
C GLY D 212 -19.26 -5.17 -12.77
N ILE D 213 -18.25 -4.49 -13.30
CA ILE D 213 -17.46 -5.00 -14.41
C ILE D 213 -16.05 -5.42 -13.97
N ILE D 223 -7.35 -8.69 -14.83
CA ILE D 223 -6.24 -9.63 -14.99
C ILE D 223 -6.16 -10.19 -16.43
N VAL D 224 -7.28 -10.65 -16.96
CA VAL D 224 -7.34 -11.24 -18.32
C VAL D 224 -7.46 -10.13 -19.38
N ALA D 225 -8.61 -9.45 -19.42
CA ALA D 225 -8.84 -8.37 -20.37
C ALA D 225 -8.20 -7.06 -19.87
N GLY D 226 -8.05 -6.92 -18.56
CA GLY D 226 -7.39 -5.76 -17.94
C GLY D 226 -8.30 -4.57 -17.70
N VAL D 227 -9.59 -4.87 -17.62
CA VAL D 227 -10.64 -3.85 -17.57
C VAL D 227 -11.47 -3.95 -16.27
N GLY D 228 -11.86 -2.81 -15.71
CA GLY D 228 -12.73 -2.79 -14.54
C GLY D 228 -12.85 -1.40 -13.98
N VAL D 229 -13.82 -1.19 -13.08
CA VAL D 229 -13.90 0.02 -12.26
C VAL D 229 -14.22 -0.46 -10.85
N PRO D 230 -13.40 -0.09 -9.84
CA PRO D 230 -13.57 -0.52 -8.46
C PRO D 230 -14.99 -0.22 -7.97
N GLN D 231 -15.53 -1.14 -7.19
CA GLN D 231 -16.96 -1.21 -7.00
C GLN D 231 -17.61 0.02 -6.39
N ILE D 232 -16.97 0.66 -5.42
CA ILE D 232 -17.58 1.82 -4.77
C ILE D 232 -17.74 3.00 -5.73
N THR D 233 -16.65 3.43 -6.34
CA THR D 233 -16.70 4.57 -7.26
C THR D 233 -17.57 4.28 -8.51
N ALA D 234 -17.93 3.01 -8.72
CA ALA D 234 -18.90 2.66 -9.76
C ALA D 234 -20.28 3.10 -9.32
N ILE D 235 -20.86 2.41 -8.34
CA ILE D 235 -22.16 2.80 -7.78
C ILE D 235 -22.28 4.31 -7.49
N GLU D 236 -21.17 4.92 -7.03
CA GLU D 236 -21.17 6.35 -6.77
C GLU D 236 -21.44 7.14 -8.04
N LYS D 237 -21.05 6.52 -9.20
CA LYS D 237 -21.11 7.16 -10.51
C LYS D 237 -22.39 6.79 -11.25
N CYS D 238 -22.87 5.58 -11.02
CA CYS D 238 -24.04 5.05 -11.72
C CYS D 238 -25.37 5.48 -11.10
N SER D 239 -25.44 5.65 -9.77
CA SER D 239 -26.65 6.21 -9.15
C SER D 239 -26.66 7.75 -9.09
N SER D 240 -25.51 8.37 -9.34
CA SER D 240 -25.46 9.82 -9.53
C SER D 240 -26.37 10.21 -10.71
N VAL D 241 -26.81 9.21 -11.46
CA VAL D 241 -27.62 9.45 -12.65
C VAL D 241 -28.89 8.62 -12.59
N ALA D 242 -28.78 7.37 -12.17
CA ALA D 242 -29.96 6.51 -12.03
C ALA D 242 -31.05 7.08 -11.07
N SER D 243 -30.76 8.22 -10.44
CA SER D 243 -31.71 9.01 -9.62
C SER D 243 -32.25 10.22 -10.38
N LYS D 244 -33.07 11.09 -9.71
CA LYS D 244 -34.03 11.91 -10.45
C LYS D 244 -35.04 11.03 -11.20
N PHE D 245 -34.45 10.04 -11.95
CA PHE D 245 -35.19 8.89 -12.47
C PHE D 245 -35.36 7.89 -11.33
N GLY D 246 -36.49 7.19 -11.31
CA GLY D 246 -36.80 6.35 -10.16
C GLY D 246 -36.16 4.98 -10.26
N ILE D 247 -34.98 4.92 -10.87
CA ILE D 247 -34.38 3.65 -11.24
C ILE D 247 -33.30 3.15 -10.25
N PRO D 248 -33.61 2.05 -9.53
CA PRO D 248 -32.75 1.47 -8.50
C PRO D 248 -31.44 0.92 -9.05
N ILE D 249 -30.52 0.57 -8.14
CA ILE D 249 -29.23 -0.05 -8.53
C ILE D 249 -28.94 -1.38 -7.81
N ILE D 250 -28.46 -2.37 -8.56
CA ILE D 250 -28.07 -3.65 -7.97
C ILE D 250 -26.56 -3.82 -8.03
N ALA D 251 -25.94 -3.90 -6.86
CA ALA D 251 -24.51 -4.17 -6.79
C ALA D 251 -24.22 -5.65 -6.93
N ASP D 252 -23.72 -6.02 -8.11
CA ASP D 252 -23.36 -7.41 -8.39
C ASP D 252 -21.86 -7.65 -8.23
N GLY D 253 -21.51 -8.67 -7.45
CA GLY D 253 -20.16 -9.22 -7.41
C GLY D 253 -19.16 -8.48 -6.54
N GLY D 254 -18.52 -9.24 -5.65
CA GLY D 254 -17.49 -8.70 -4.78
C GLY D 254 -17.85 -8.81 -3.32
N ILE D 255 -18.95 -9.50 -3.03
CA ILE D 255 -19.46 -9.55 -1.66
C ILE D 255 -18.84 -10.67 -0.83
N ARG D 256 -17.97 -10.27 0.09
CA ARG D 256 -17.27 -11.23 0.94
C ARG D 256 -17.87 -11.31 2.33
N TYR D 257 -18.01 -10.17 3.02
CA TYR D 257 -18.63 -10.12 4.36
C TYR D 257 -19.77 -9.10 4.44
N SER D 258 -20.46 -9.11 5.58
CA SER D 258 -21.62 -8.26 5.90
C SER D 258 -21.36 -6.76 5.75
N GLY D 259 -20.23 -6.31 6.26
CA GLY D 259 -19.86 -4.92 6.19
C GLY D 259 -19.49 -4.48 4.78
N ASP D 260 -19.63 -5.37 3.80
CA ASP D 260 -19.44 -4.98 2.41
C ASP D 260 -20.74 -4.39 1.89
N ILE D 261 -21.84 -5.13 2.12
CA ILE D 261 -23.17 -4.82 1.59
C ILE D 261 -23.73 -3.53 2.17
N GLY D 262 -23.26 -3.16 3.36
CA GLY D 262 -23.63 -1.91 3.99
C GLY D 262 -23.13 -0.74 3.17
N LYS D 263 -21.84 -0.77 2.86
CA LYS D 263 -21.19 0.25 2.03
C LYS D 263 -21.83 0.40 0.63
N ALA D 264 -22.29 -0.71 0.06
CA ALA D 264 -22.94 -0.68 -1.26
C ALA D 264 -24.19 0.20 -1.25
N LEU D 265 -25.19 -0.17 -0.44
CA LEU D 265 -26.43 0.59 -0.35
C LEU D 265 -26.17 2.04 0.11
N ALA D 266 -25.27 2.18 1.08
CA ALA D 266 -24.82 3.46 1.63
C ALA D 266 -24.46 4.45 0.57
N VAL D 267 -23.93 3.91 -0.52
CA VAL D 267 -23.38 4.71 -1.62
C VAL D 267 -24.41 5.07 -2.71
N GLY D 268 -25.37 4.18 -2.94
CA GLY D 268 -26.41 4.42 -3.92
C GLY D 268 -27.28 3.21 -4.12
N ALA D 269 -26.66 2.03 -4.08
CA ALA D 269 -27.33 0.76 -4.34
C ALA D 269 -28.64 0.62 -3.61
N SER D 270 -29.61 -0.01 -4.25
CA SER D 270 -30.92 -0.20 -3.66
C SER D 270 -30.97 -1.64 -3.19
N SER D 271 -30.19 -2.48 -3.85
CA SER D 271 -29.99 -3.87 -3.43
C SER D 271 -28.54 -4.33 -3.70
N VAL D 272 -28.30 -5.63 -3.62
CA VAL D 272 -26.98 -6.18 -3.79
C VAL D 272 -27.10 -7.64 -4.22
N MET D 273 -26.27 -8.07 -5.16
CA MET D 273 -26.34 -9.44 -5.69
C MET D 273 -25.30 -10.35 -5.08
N ILE D 274 -25.76 -11.47 -4.59
CA ILE D 274 -24.94 -12.35 -3.81
C ILE D 274 -24.65 -13.64 -4.55
N GLY D 275 -23.38 -13.83 -4.92
CA GLY D 275 -22.94 -15.02 -5.66
C GLY D 275 -22.05 -16.01 -4.89
N SER D 276 -20.75 -15.90 -5.14
CA SER D 276 -19.72 -16.82 -4.58
C SER D 276 -19.86 -17.18 -3.07
N ILE D 277 -20.42 -16.26 -2.29
CA ILE D 277 -20.61 -16.44 -0.84
C ILE D 277 -21.78 -17.39 -0.54
N LEU D 278 -22.61 -17.68 -1.55
CA LEU D 278 -23.69 -18.68 -1.43
C LEU D 278 -23.36 -19.93 -2.24
N ALA D 279 -22.42 -19.77 -3.17
CA ALA D 279 -21.95 -20.81 -4.10
C ALA D 279 -22.24 -22.28 -3.71
N GLY D 280 -21.65 -22.75 -2.61
CA GLY D 280 -21.67 -24.17 -2.32
C GLY D 280 -22.65 -24.65 -1.29
N THR D 281 -23.67 -23.84 -0.99
CA THR D 281 -24.65 -24.18 0.06
C THR D 281 -25.48 -25.41 -0.30
N GLU D 282 -26.31 -25.86 0.65
CA GLU D 282 -27.16 -27.03 0.46
C GLU D 282 -28.24 -26.81 -0.61
N GLU D 283 -28.88 -25.65 -0.56
CA GLU D 283 -30.01 -25.34 -1.45
C GLU D 283 -29.62 -25.00 -2.90
N SER D 284 -28.34 -25.16 -3.23
CA SER D 284 -27.85 -24.90 -4.57
C SER D 284 -27.65 -26.20 -5.37
N PRO D 285 -27.69 -26.12 -6.73
CA PRO D 285 -27.54 -27.16 -7.75
C PRO D 285 -26.76 -28.43 -7.40
N GLY D 286 -25.51 -28.30 -6.93
CA GLY D 286 -24.59 -29.43 -6.76
C GLY D 286 -25.05 -30.67 -5.99
N GLU D 287 -24.38 -31.79 -6.27
CA GLU D 287 -24.60 -33.07 -5.59
C GLU D 287 -23.94 -33.04 -4.22
N LYS D 288 -23.33 -34.16 -3.79
CA LYS D 288 -22.50 -34.14 -2.58
C LYS D 288 -21.38 -35.17 -2.67
N GLU D 289 -20.14 -34.75 -2.42
CA GLU D 289 -19.00 -35.66 -2.32
C GLU D 289 -18.38 -35.64 -0.94
N LEU D 290 -18.09 -36.81 -0.35
CA LEU D 290 -17.77 -36.92 1.07
C LEU D 290 -16.28 -37.04 1.29
N ILE D 291 -15.44 -37.07 0.32
CA ILE D 291 -14.00 -37.45 0.38
C ILE D 291 -13.14 -36.89 1.55
N GLY D 292 -12.96 -37.73 2.58
CA GLY D 292 -12.23 -37.46 3.84
C GLY D 292 -11.90 -36.04 4.23
N ASP D 293 -12.07 -35.69 5.51
CA ASP D 293 -11.66 -34.38 6.08
C ASP D 293 -12.35 -33.10 5.50
N THR D 294 -13.17 -33.30 4.47
CA THR D 294 -13.82 -32.20 3.74
C THR D 294 -15.05 -32.69 2.96
N VAL D 295 -15.98 -31.79 2.68
CA VAL D 295 -17.20 -32.13 1.93
C VAL D 295 -17.48 -31.09 0.84
N TYR D 296 -17.76 -31.57 -0.36
CA TYR D 296 -17.90 -30.70 -1.54
C TYR D 296 -19.28 -30.83 -2.19
N LYS D 297 -19.69 -29.80 -2.92
CA LYS D 297 -20.90 -29.82 -3.73
C LYS D 297 -20.57 -30.00 -5.22
N TYR D 298 -20.80 -31.19 -5.72
CA TYR D 298 -20.50 -31.53 -7.11
C TYR D 298 -21.73 -31.44 -7.99
N ARG D 334 -17.27 -29.09 -8.75
CA ARG D 334 -16.43 -29.12 -7.56
C ARG D 334 -16.35 -27.73 -6.89
N VAL D 335 -16.87 -27.66 -5.66
CA VAL D 335 -16.86 -26.46 -4.80
C VAL D 335 -17.09 -26.88 -3.35
N LYS D 336 -16.66 -26.07 -2.38
CA LYS D 336 -16.79 -26.40 -0.96
C LYS D 336 -18.22 -26.21 -0.48
N TYR D 337 -18.66 -27.08 0.45
CA TYR D 337 -20.00 -27.04 1.07
C TYR D 337 -20.10 -25.93 2.13
N LYS D 338 -21.07 -25.03 1.96
CA LYS D 338 -21.23 -23.89 2.85
C LYS D 338 -22.54 -23.99 3.64
N GLY D 339 -22.88 -25.23 4.02
CA GLY D 339 -23.96 -25.54 4.97
C GLY D 339 -25.38 -25.19 4.56
N GLU D 340 -26.23 -24.96 5.57
CA GLU D 340 -27.59 -24.49 5.37
C GLU D 340 -27.61 -23.00 5.00
N MET D 341 -28.29 -22.66 3.90
CA MET D 341 -28.28 -21.32 3.33
C MET D 341 -28.88 -20.25 4.21
N GLU D 342 -29.92 -20.60 4.97
CA GLU D 342 -30.65 -19.70 5.86
C GLU D 342 -29.69 -18.91 6.74
N GLY D 343 -28.86 -19.63 7.48
CA GLY D 343 -27.82 -19.06 8.33
C GLY D 343 -27.01 -17.99 7.63
N VAL D 344 -26.57 -18.27 6.40
CA VAL D 344 -25.78 -17.31 5.63
C VAL D 344 -26.55 -16.01 5.34
N VAL D 345 -27.83 -16.13 4.99
CA VAL D 345 -28.63 -14.93 4.77
C VAL D 345 -28.98 -14.26 6.11
N TYR D 346 -29.06 -15.03 7.19
CA TYR D 346 -29.26 -14.46 8.52
C TYR D 346 -28.05 -13.63 8.95
N GLN D 347 -26.83 -14.17 8.87
CA GLN D 347 -25.63 -13.47 9.33
C GLN D 347 -25.34 -12.24 8.48
N LEU D 348 -25.91 -12.14 7.30
CA LEU D 348 -25.68 -11.03 6.37
C LEU D 348 -26.69 -9.92 6.59
N VAL D 349 -27.94 -10.32 6.85
CA VAL D 349 -29.03 -9.42 7.25
C VAL D 349 -28.66 -8.76 8.60
N GLY D 350 -28.19 -9.60 9.53
CA GLY D 350 -27.72 -9.17 10.84
C GLY D 350 -26.64 -8.12 10.72
N GLY D 351 -25.75 -8.29 9.74
CA GLY D 351 -24.71 -7.31 9.47
C GLY D 351 -25.27 -6.01 8.95
N LEU D 352 -26.20 -6.09 8.00
CA LEU D 352 -26.86 -4.88 7.49
C LEU D 352 -27.58 -4.12 8.63
N ARG D 353 -28.22 -4.86 9.53
CA ARG D 353 -28.85 -4.29 10.71
C ARG D 353 -27.86 -3.51 11.59
N SER D 354 -26.77 -4.16 11.98
CA SER D 354 -25.75 -3.52 12.82
C SER D 354 -25.06 -2.36 12.14
N CYS D 355 -25.07 -2.36 10.82
CA CYS D 355 -24.46 -1.31 10.04
C CYS D 355 -25.31 -0.08 10.09
N MET D 356 -26.61 -0.30 9.94
CA MET D 356 -27.58 0.75 9.76
C MET D 356 -27.83 1.40 11.11
N GLY D 357 -27.68 0.60 12.17
CA GLY D 357 -27.66 1.10 13.55
C GLY D 357 -26.61 2.18 13.69
N TYR D 358 -25.36 1.77 13.87
CA TYR D 358 -24.22 2.69 13.83
C TYR D 358 -24.47 3.97 13.03
N LEU D 359 -25.04 3.85 11.83
CA LEU D 359 -25.18 5.00 10.92
C LEU D 359 -26.48 5.79 11.06
N GLY D 360 -27.35 5.35 11.97
CA GLY D 360 -28.61 6.07 12.26
C GLY D 360 -29.52 6.22 11.07
N SER D 361 -29.35 5.32 10.11
CA SER D 361 -30.30 5.15 9.02
C SER D 361 -31.43 4.20 9.42
N ALA D 362 -32.64 4.68 9.35
CA ALA D 362 -33.80 3.93 9.80
C ALA D 362 -34.31 2.99 8.70
N SER D 363 -33.81 3.24 7.48
CA SER D 363 -34.29 2.61 6.26
C SER D 363 -33.32 2.98 5.14
N ILE D 364 -33.30 2.18 4.09
CA ILE D 364 -32.33 2.37 3.01
C ILE D 364 -32.38 3.77 2.37
N GLU D 365 -33.57 4.34 2.23
CA GLU D 365 -33.68 5.69 1.67
C GLU D 365 -32.98 6.72 2.57
N GLU D 366 -32.87 6.41 3.86
CA GLU D 366 -32.25 7.31 4.85
C GLU D 366 -30.74 7.19 4.84
N LEU D 367 -30.29 6.00 4.47
CA LEU D 367 -28.88 5.67 4.37
C LEU D 367 -28.23 6.39 3.17
N TRP D 368 -29.01 6.78 2.16
CA TRP D 368 -28.49 7.62 1.07
C TRP D 368 -28.42 9.08 1.46
N LYS D 369 -29.24 9.48 2.42
CA LYS D 369 -29.26 10.87 2.85
C LYS D 369 -28.17 11.15 3.88
N LYS D 370 -27.94 10.19 4.78
CA LYS D 370 -27.12 10.42 5.96
C LYS D 370 -25.81 9.63 6.01
N SER D 371 -25.30 9.22 4.85
CA SER D 371 -24.12 8.33 4.74
C SER D 371 -22.84 8.81 5.42
N SER D 372 -21.93 9.36 4.61
CA SER D 372 -20.57 9.72 5.04
C SER D 372 -19.65 8.48 5.13
N TYR D 373 -18.49 8.55 4.49
CA TYR D 373 -17.43 7.56 4.64
C TYR D 373 -16.02 8.17 4.62
N VAL D 374 -15.07 7.54 5.34
CA VAL D 374 -13.63 7.91 5.27
C VAL D 374 -12.80 6.90 4.48
N GLU D 375 -11.66 7.36 3.98
CA GLU D 375 -10.74 6.55 3.18
C GLU D 375 -9.65 5.93 4.07
N ILE D 376 -9.41 4.62 3.89
CA ILE D 376 -8.45 3.87 4.72
C ILE D 376 -7.15 3.60 3.96
N THR D 377 -6.11 4.36 4.26
CA THR D 377 -4.79 4.05 3.71
C THR D 377 -4.20 2.84 4.45
N THR D 378 -4.86 1.70 4.30
CA THR D 378 -4.47 0.41 4.90
C THR D 378 -3.32 0.47 5.92
#